data_1Z44
#
_entry.id   1Z44
#
_cell.length_a   51.433
_cell.length_b   184.837
_cell.length_c   172.026
_cell.angle_alpha   90.00
_cell.angle_beta   90.00
_cell.angle_gamma   90.00
#
_symmetry.space_group_name_H-M   'C 2 2 21'
#
loop_
_entity.id
_entity.type
_entity.pdbx_description
1 polymer 'Probable NADH-dependent flavin oxidoreductase yqjM'
2 non-polymer 'SULFATE ION'
3 non-polymer 'FLAVIN MONONUCLEOTIDE'
4 non-polymer P-NITROPHENOL
5 water water
#
_entity_poly.entity_id   1
_entity_poly.type   'polypeptide(L)'
_entity_poly.pdbx_seq_one_letter_code
;(MSE)ARKLFTPITIKD(MSE)TLKNRIV(MSE)SP(MSE)C(MSE)YSSHEKDGKLTPFH(MSE)AHYISRAIGQVGLI
IVEASAVNPQGRITDQDLGIWSDEHIEGFAKLTEQVKEQGSKIGIQLAHAGRKAELEGDIFAPSAIAFDEQSATPVE
(MSE)SAEKVKETVQEFKQAAARAKEAGFDVIEIHAAHGYLIHEFLSPLSNHRTDEYGGSPENRYRFLREIIDEVKQVWD
GPLFVRVSASDYTDKGLDIADHIGFAKW(MSE)KEQGVDLIDCSSGALVHADINVFPGYQVSFAEKIREQAD(MSE)ATG
AVG(MSE)ITDGS(MSE)AEEILQNGRADLIFIGRELLRDPFFARTAAKQLNTEIPAPVQYERGW
;
_entity_poly.pdbx_strand_id   A,B
#
loop_
_chem_comp.id
_chem_comp.type
_chem_comp.name
_chem_comp.formula
FMN non-polymer 'FLAVIN MONONUCLEOTIDE' 'C17 H21 N4 O9 P'
NPO non-polymer P-NITROPHENOL 'C6 H5 N O3'
SO4 non-polymer 'SULFATE ION' 'O4 S -2'
#
# COMPACT_ATOMS: atom_id res chain seq x y z
N ALA A 2 11.12 -8.00 24.72
CA ALA A 2 11.17 -7.66 23.26
C ALA A 2 12.05 -6.44 23.04
N ARG A 3 12.53 -6.28 21.80
CA ARG A 3 13.38 -5.15 21.44
C ARG A 3 12.69 -3.85 21.81
N LYS A 4 13.48 -2.82 22.13
CA LYS A 4 12.88 -1.55 22.51
C LYS A 4 12.08 -0.95 21.37
N LEU A 5 12.53 -1.19 20.13
CA LEU A 5 11.84 -0.66 18.95
C LEU A 5 10.40 -1.18 18.88
N PHE A 6 10.16 -2.34 19.46
CA PHE A 6 8.82 -2.92 19.43
C PHE A 6 8.18 -3.01 20.81
N THR A 7 8.57 -2.08 21.68
CA THR A 7 8.05 -1.96 23.03
C THR A 7 7.06 -0.80 22.99
N PRO A 8 5.92 -0.91 23.69
CA PRO A 8 4.95 0.19 23.68
C PRO A 8 5.35 1.43 24.48
N ILE A 9 4.61 2.51 24.26
CA ILE A 9 4.83 3.76 24.99
C ILE A 9 3.47 4.45 25.02
N THR A 10 3.13 5.00 26.17
CA THR A 10 1.84 5.69 26.34
C THR A 10 2.03 7.19 26.50
N ILE A 11 1.30 7.95 25.71
CA ILE A 11 1.36 9.41 25.75
C ILE A 11 -0.07 9.93 25.85
N LYS A 12 -0.37 10.61 26.95
CA LYS A 12 -1.70 11.16 27.18
C LYS A 12 -2.84 10.23 26.76
N ASP A 13 -2.89 9.04 27.37
CA ASP A 13 -3.92 8.06 27.09
C ASP A 13 -3.80 7.33 25.75
N MSE A 14 -2.87 7.74 24.91
CA MSE A 14 -2.68 7.06 23.62
C MSE A 14 -1.51 6.10 23.75
O MSE A 14 -0.40 6.50 24.12
CB MSE A 14 -2.35 8.07 22.51
CG MSE A 14 -1.95 7.41 21.16
SE MSE A 14 -1.32 8.54 19.89
CE MSE A 14 0.36 8.82 20.52
N THR A 15 -1.75 4.83 23.46
CA THR A 15 -0.68 3.83 23.54
C THR A 15 -0.26 3.39 22.14
N LEU A 16 1.02 3.57 21.84
CA LEU A 16 1.58 3.16 20.56
C LEU A 16 2.14 1.75 20.75
N LYS A 17 1.89 0.86 19.80
CA LYS A 17 2.36 -0.52 19.93
C LYS A 17 3.84 -0.74 19.66
N ASN A 18 4.48 0.20 18.96
CA ASN A 18 5.92 0.13 18.70
C ASN A 18 6.42 1.56 18.58
N ARG A 19 7.73 1.74 18.43
CA ARG A 19 8.31 3.08 18.34
C ARG A 19 8.57 3.59 16.93
N ILE A 20 8.04 2.91 15.93
CA ILE A 20 8.24 3.34 14.55
C ILE A 20 7.16 4.35 14.15
N VAL A 21 7.60 5.49 13.62
CA VAL A 21 6.68 6.54 13.19
C VAL A 21 6.92 6.87 11.73
N MSE A 22 5.85 6.97 10.95
CA MSE A 22 5.97 7.35 9.55
C MSE A 22 6.02 8.87 9.58
O MSE A 22 5.04 9.54 9.91
CB MSE A 22 4.74 6.88 8.73
CG MSE A 22 4.80 7.28 7.25
SE MSE A 22 3.44 6.59 6.21
CE MSE A 22 4.02 7.07 4.56
N SER A 23 7.20 9.40 9.26
CA SER A 23 7.44 10.83 9.25
C SER A 23 6.53 11.51 8.23
N PRO A 24 5.99 12.68 8.57
CA PRO A 24 5.10 13.37 7.61
C PRO A 24 5.83 13.64 6.30
N MSE A 25 5.19 13.29 5.18
CA MSE A 25 5.78 13.50 3.87
C MSE A 25 4.73 13.95 2.83
O MSE A 25 3.82 13.20 2.48
CB MSE A 25 6.49 12.23 3.35
CG MSE A 25 7.82 11.89 4.07
SE MSE A 25 8.70 10.33 3.51
CE MSE A 25 7.57 9.06 4.26
N CYS A 26 4.88 15.18 2.36
CA CYS A 26 3.96 15.74 1.36
C CYS A 26 3.93 14.88 0.10
N MSE A 27 2.72 14.66 -0.41
CA MSE A 27 2.53 13.85 -1.60
C MSE A 27 2.13 14.67 -2.83
O MSE A 27 2.12 14.14 -3.94
CB MSE A 27 1.48 12.77 -1.32
CG MSE A 27 1.96 11.67 -0.37
SE MSE A 27 3.30 10.62 -1.06
CE MSE A 27 4.72 11.16 -0.08
N TYR A 28 1.80 15.94 -2.63
CA TYR A 28 1.41 16.82 -3.72
C TYR A 28 0.43 16.12 -4.66
N SER A 29 -0.59 15.50 -4.09
CA SER A 29 -1.55 14.74 -4.87
C SER A 29 -3.02 15.18 -4.80
N SER A 30 -3.28 16.37 -4.27
CA SER A 30 -4.66 16.87 -4.22
C SER A 30 -4.89 17.61 -5.53
N HIS A 31 -5.05 16.84 -6.61
CA HIS A 31 -5.23 17.40 -7.95
C HIS A 31 -6.40 18.34 -8.18
N GLU A 32 -7.43 18.27 -7.35
CA GLU A 32 -8.58 19.16 -7.51
C GLU A 32 -8.28 20.54 -6.91
N LYS A 33 -7.08 20.68 -6.35
CA LYS A 33 -6.62 21.92 -5.75
C LYS A 33 -7.53 22.45 -4.65
N ASP A 34 -8.27 21.53 -4.01
CA ASP A 34 -9.19 21.90 -2.94
C ASP A 34 -8.75 21.36 -1.58
N GLY A 35 -7.53 20.84 -1.51
CA GLY A 35 -7.01 20.32 -0.27
C GLY A 35 -7.62 19.00 0.20
N LYS A 36 -8.50 18.41 -0.61
CA LYS A 36 -9.14 17.16 -0.23
C LYS A 36 -8.33 15.90 -0.56
N LEU A 37 -8.65 14.82 0.16
CA LEU A 37 -7.99 13.54 -0.03
C LEU A 37 -8.43 12.88 -1.33
N THR A 38 -7.59 11.98 -1.84
CA THR A 38 -7.86 11.25 -3.06
C THR A 38 -7.57 9.77 -2.80
N PRO A 39 -8.02 8.89 -3.69
CA PRO A 39 -7.76 7.46 -3.48
C PRO A 39 -6.28 7.16 -3.29
N PHE A 40 -5.41 7.89 -3.98
CA PHE A 40 -3.97 7.68 -3.83
C PHE A 40 -3.55 7.87 -2.38
N HIS A 41 -4.00 8.97 -1.76
CA HIS A 41 -3.65 9.23 -0.37
C HIS A 41 -4.10 8.08 0.51
N MSE A 42 -5.33 7.60 0.28
CA MSE A 42 -5.87 6.52 1.08
C MSE A 42 -4.98 5.28 1.00
O MSE A 42 -4.59 4.72 2.03
CB MSE A 42 -7.31 6.17 0.65
CG MSE A 42 -8.33 7.33 0.76
SE MSE A 42 -8.65 8.01 2.45
CE MSE A 42 -9.69 6.75 3.11
N ALA A 43 -4.64 4.84 -0.21
CA ALA A 43 -3.79 3.66 -0.37
C ALA A 43 -2.40 3.89 0.20
N HIS A 44 -1.86 5.08 -0.05
CA HIS A 44 -0.53 5.45 0.43
C HIS A 44 -0.39 5.31 1.95
N TYR A 45 -1.31 5.91 2.68
CA TYR A 45 -1.26 5.86 4.14
C TYR A 45 -1.72 4.54 4.73
N ILE A 46 -2.85 4.04 4.26
CA ILE A 46 -3.38 2.80 4.80
C ILE A 46 -2.43 1.61 4.62
N SER A 47 -1.67 1.59 3.52
CA SER A 47 -0.73 0.49 3.31
C SER A 47 0.35 0.40 4.38
N ARG A 48 0.78 1.53 4.95
CA ARG A 48 1.78 1.48 6.00
C ARG A 48 1.14 1.04 7.33
N ALA A 49 -0.18 1.20 7.43
CA ALA A 49 -0.91 0.77 8.63
C ALA A 49 -0.99 -0.75 8.55
N ILE A 50 -1.27 -1.26 7.35
CA ILE A 50 -1.29 -2.71 7.14
C ILE A 50 0.14 -3.18 7.44
N GLY A 51 1.11 -2.34 7.12
CA GLY A 51 2.51 -2.64 7.34
C GLY A 51 3.01 -2.57 8.79
N GLN A 52 2.08 -2.33 9.71
CA GLN A 52 2.36 -2.29 11.15
C GLN A 52 3.14 -1.11 11.74
N VAL A 53 3.12 0.04 11.07
CA VAL A 53 3.80 1.22 11.62
C VAL A 53 2.98 1.65 12.85
N GLY A 54 3.66 1.91 13.96
CA GLY A 54 2.96 2.30 15.18
C GLY A 54 2.14 3.57 15.10
N LEU A 55 2.71 4.59 14.47
CA LEU A 55 2.04 5.89 14.34
C LEU A 55 2.34 6.47 12.97
N ILE A 56 1.27 6.84 12.26
CA ILE A 56 1.40 7.42 10.94
C ILE A 56 1.03 8.89 11.02
N ILE A 57 1.96 9.76 10.68
CA ILE A 57 1.69 11.19 10.70
C ILE A 57 1.41 11.67 9.29
N VAL A 58 0.20 12.17 9.08
CA VAL A 58 -0.20 12.68 7.77
C VAL A 58 0.60 13.95 7.45
N GLU A 59 0.96 14.06 6.17
CA GLU A 59 1.72 15.17 5.62
C GLU A 59 1.22 16.56 6.01
N ALA A 60 2.11 17.55 5.86
CA ALA A 60 1.78 18.95 6.15
C ALA A 60 0.42 19.31 5.56
N SER A 61 -0.53 19.66 6.43
CA SER A 61 -1.88 20.03 6.01
C SER A 61 -2.13 21.50 6.38
N ALA A 62 -2.35 22.32 5.36
CA ALA A 62 -2.54 23.76 5.53
C ALA A 62 -3.76 24.21 6.31
N VAL A 63 -3.53 25.14 7.24
CA VAL A 63 -4.59 25.70 8.08
C VAL A 63 -5.27 26.89 7.40
N ASN A 64 -4.70 27.33 6.28
CA ASN A 64 -5.24 28.44 5.49
C ASN A 64 -4.83 28.10 4.06
N PRO A 65 -5.72 28.29 3.07
CA PRO A 65 -5.34 27.97 1.70
C PRO A 65 -4.06 28.64 1.19
N GLN A 66 -3.78 29.86 1.65
CA GLN A 66 -2.57 30.54 1.20
C GLN A 66 -1.34 30.11 2.01
N GLY A 67 -1.55 29.12 2.87
CA GLY A 67 -0.48 28.57 3.68
C GLY A 67 0.00 27.24 3.13
N ARG A 68 -0.52 26.86 1.96
CA ARG A 68 -0.11 25.62 1.31
C ARG A 68 1.26 25.83 0.69
N ILE A 69 2.04 24.75 0.56
CA ILE A 69 3.34 24.85 -0.09
C ILE A 69 3.04 24.93 -1.59
N THR A 70 2.12 24.08 -2.04
CA THR A 70 1.68 24.05 -3.45
C THR A 70 0.16 23.89 -3.48
N ASP A 71 -0.47 24.15 -4.62
CA ASP A 71 -1.91 24.02 -4.71
C ASP A 71 -2.38 22.57 -4.75
N GLN A 72 -1.43 21.64 -4.63
CA GLN A 72 -1.73 20.21 -4.64
C GLN A 72 -1.64 19.64 -3.22
N ASP A 73 -1.42 20.51 -2.25
CA ASP A 73 -1.27 20.08 -0.86
C ASP A 73 -2.60 19.72 -0.21
N LEU A 74 -2.53 18.93 0.85
CA LEU A 74 -3.72 18.58 1.61
C LEU A 74 -4.04 19.81 2.47
N GLY A 75 -5.31 19.96 2.83
CA GLY A 75 -5.70 21.08 3.66
C GLY A 75 -6.61 20.66 4.79
N ILE A 76 -6.75 21.55 5.77
CA ILE A 76 -7.64 21.29 6.90
C ILE A 76 -8.20 22.63 7.36
N TRP A 77 -8.34 23.55 6.40
CA TRP A 77 -8.86 24.90 6.65
C TRP A 77 -10.38 25.02 6.56
N SER A 78 -11.06 23.94 6.14
CA SER A 78 -12.51 23.97 6.00
C SER A 78 -13.18 22.74 6.60
N ASP A 79 -14.43 22.91 7.04
CA ASP A 79 -15.16 21.79 7.61
C ASP A 79 -15.42 20.73 6.55
N GLU A 80 -15.29 21.13 5.28
CA GLU A 80 -15.49 20.19 4.18
C GLU A 80 -14.37 19.14 4.15
N HIS A 81 -13.25 19.43 4.81
CA HIS A 81 -12.13 18.50 4.86
C HIS A 81 -12.35 17.40 5.89
N ILE A 82 -13.29 17.62 6.80
CA ILE A 82 -13.57 16.66 7.86
C ILE A 82 -14.03 15.30 7.37
N GLU A 83 -14.98 15.29 6.43
CA GLU A 83 -15.52 14.04 5.89
C GLU A 83 -14.43 13.08 5.42
N GLY A 84 -13.53 13.57 4.58
CA GLY A 84 -12.45 12.74 4.07
C GLY A 84 -11.52 12.23 5.14
N PHE A 85 -11.07 13.13 6.03
CA PHE A 85 -10.17 12.73 7.10
C PHE A 85 -10.80 11.71 8.03
N ALA A 86 -12.11 11.83 8.27
CA ALA A 86 -12.81 10.90 9.15
C ALA A 86 -12.74 9.48 8.58
N LYS A 87 -12.79 9.37 7.26
CA LYS A 87 -12.71 8.07 6.61
C LYS A 87 -11.28 7.53 6.73
N LEU A 88 -10.28 8.39 6.56
CA LEU A 88 -8.89 7.97 6.66
C LEU A 88 -8.51 7.51 8.07
N THR A 89 -8.88 8.29 9.08
CA THR A 89 -8.54 7.89 10.44
C THR A 89 -9.20 6.57 10.81
N GLU A 90 -10.46 6.39 10.41
CA GLU A 90 -11.17 5.16 10.71
C GLU A 90 -10.48 3.94 10.10
N GLN A 91 -10.06 4.05 8.85
CA GLN A 91 -9.42 2.94 8.16
C GLN A 91 -8.00 2.65 8.64
N VAL A 92 -7.25 3.69 9.02
CA VAL A 92 -5.89 3.47 9.51
C VAL A 92 -5.96 2.79 10.88
N LYS A 93 -6.88 3.24 11.73
CA LYS A 93 -7.04 2.65 13.05
C LYS A 93 -7.53 1.22 12.96
N GLU A 94 -8.39 0.95 11.98
CA GLU A 94 -8.92 -0.40 11.80
C GLU A 94 -7.79 -1.39 11.49
N GLN A 95 -6.76 -0.91 10.82
CA GLN A 95 -5.63 -1.78 10.47
C GLN A 95 -4.63 -1.96 11.62
N GLY A 96 -4.87 -1.26 12.73
CA GLY A 96 -4.01 -1.40 13.90
C GLY A 96 -3.03 -0.30 14.28
N SER A 97 -3.03 0.80 13.53
CA SER A 97 -2.11 1.90 13.81
C SER A 97 -2.81 3.11 14.42
N LYS A 98 -2.01 4.01 14.97
CA LYS A 98 -2.54 5.26 15.51
C LYS A 98 -2.23 6.27 14.41
N ILE A 99 -2.95 7.38 14.38
CA ILE A 99 -2.75 8.35 13.33
C ILE A 99 -2.71 9.80 13.82
N GLY A 100 -1.83 10.58 13.21
CA GLY A 100 -1.71 11.98 13.57
C GLY A 100 -1.71 12.84 12.33
N ILE A 101 -1.78 14.15 12.53
CA ILE A 101 -1.77 15.08 11.41
C ILE A 101 -0.85 16.26 11.72
N GLN A 102 -0.11 16.71 10.73
CA GLN A 102 0.79 17.84 10.91
C GLN A 102 0.10 19.11 10.42
N LEU A 103 -0.22 20.00 11.36
CA LEU A 103 -0.85 21.27 11.03
C LEU A 103 0.23 22.22 10.54
N ALA A 104 0.03 22.80 9.37
CA ALA A 104 1.06 23.64 8.79
C ALA A 104 0.63 24.94 8.10
N HIS A 105 1.63 25.78 7.86
CA HIS A 105 1.49 27.04 7.13
C HIS A 105 2.89 27.29 6.57
N ALA A 106 2.98 27.28 5.25
CA ALA A 106 4.26 27.44 4.55
C ALA A 106 4.93 28.81 4.61
N GLY A 107 4.20 29.82 5.06
CA GLY A 107 4.79 31.14 5.14
C GLY A 107 5.44 31.61 3.85
N ARG A 108 6.68 32.10 3.95
CA ARG A 108 7.38 32.63 2.78
C ARG A 108 7.83 31.57 1.77
N LYS A 109 7.68 30.29 2.14
CA LYS A 109 8.07 29.23 1.21
C LYS A 109 6.86 28.70 0.44
N ALA A 110 5.72 29.38 0.57
CA ALA A 110 4.52 28.98 -0.16
C ALA A 110 4.74 29.27 -1.64
N GLU A 111 4.48 28.27 -2.47
CA GLU A 111 4.63 28.40 -3.92
C GLU A 111 3.25 28.55 -4.54
N LEU A 112 2.62 29.69 -4.28
CA LEU A 112 1.29 29.97 -4.78
C LEU A 112 1.24 31.35 -5.44
N GLU A 113 0.22 31.56 -6.27
CA GLU A 113 0.04 32.85 -6.93
C GLU A 113 -0.62 33.77 -5.91
N GLY A 114 -0.35 35.07 -6.02
CA GLY A 114 -0.93 36.01 -5.08
C GLY A 114 0.02 36.23 -3.92
N ASP A 115 -0.31 37.18 -3.05
CA ASP A 115 0.55 37.48 -1.92
C ASP A 115 0.73 36.29 -0.98
N ILE A 116 1.96 36.11 -0.49
CA ILE A 116 2.27 35.05 0.46
C ILE A 116 2.71 35.80 1.73
N PHE A 117 2.62 35.16 2.89
CA PHE A 117 2.92 35.85 4.14
C PHE A 117 4.07 35.32 5.00
N ALA A 118 4.61 36.20 5.82
CA ALA A 118 5.73 35.87 6.71
C ALA A 118 5.83 36.92 7.81
N PRO A 119 6.67 36.66 8.83
CA PRO A 119 6.80 37.65 9.90
C PRO A 119 7.42 38.95 9.39
N SER A 120 8.31 38.83 8.40
CA SER A 120 8.98 39.99 7.81
C SER A 120 9.11 39.83 6.29
N ALA A 121 9.18 40.95 5.58
CA ALA A 121 9.31 40.94 4.13
C ALA A 121 10.73 40.60 3.69
N ILE A 122 11.10 39.33 3.85
CA ILE A 122 12.42 38.84 3.48
C ILE A 122 12.22 37.54 2.70
N ALA A 123 12.72 37.50 1.47
CA ALA A 123 12.56 36.30 0.64
C ALA A 123 13.43 35.12 1.08
N PHE A 124 12.93 33.92 0.81
CA PHE A 124 13.65 32.70 1.15
C PHE A 124 15.01 32.65 0.44
N ASP A 125 14.99 32.95 -0.86
CA ASP A 125 16.21 32.98 -1.66
C ASP A 125 15.97 33.83 -2.92
N GLU A 126 16.99 33.93 -3.76
CA GLU A 126 16.91 34.73 -4.98
C GLU A 126 15.87 34.25 -6.00
N GLN A 127 15.39 33.04 -5.85
CA GLN A 127 14.40 32.49 -6.78
C GLN A 127 12.98 32.56 -6.24
N SER A 128 12.80 33.16 -5.06
CA SER A 128 11.49 33.24 -4.43
C SER A 128 10.89 34.64 -4.35
N ALA A 129 9.57 34.70 -4.27
CA ALA A 129 8.86 35.97 -4.16
C ALA A 129 9.05 36.53 -2.76
N THR A 130 9.03 37.85 -2.64
CA THR A 130 9.17 38.50 -1.34
C THR A 130 7.81 38.44 -0.68
N PRO A 131 7.75 37.91 0.56
CA PRO A 131 6.47 37.83 1.27
C PRO A 131 6.01 39.15 1.84
N VAL A 132 4.72 39.19 2.20
CA VAL A 132 4.13 40.38 2.81
C VAL A 132 4.21 40.18 4.32
N GLU A 133 4.62 41.22 5.03
CA GLU A 133 4.72 41.18 6.48
C GLU A 133 3.31 41.11 7.08
N MSE A 134 3.02 40.05 7.84
CA MSE A 134 1.70 39.90 8.46
C MSE A 134 1.41 41.03 9.44
O MSE A 134 2.29 41.40 10.23
CB MSE A 134 1.58 38.58 9.24
CG MSE A 134 1.45 37.30 8.42
SE MSE A 134 1.06 35.87 9.52
CE MSE A 134 0.38 34.68 8.30
N SER A 135 0.21 41.58 9.38
CA SER A 135 -0.17 42.62 10.32
C SER A 135 -0.43 41.89 11.64
N ALA A 136 -0.44 42.62 12.76
CA ALA A 136 -0.69 41.98 14.04
C ALA A 136 -2.04 41.26 13.98
N GLU A 137 -3.02 41.88 13.33
CA GLU A 137 -4.35 41.30 13.20
C GLU A 137 -4.27 39.95 12.47
N LYS A 138 -3.49 39.91 11.39
CA LYS A 138 -3.32 38.70 10.60
C LYS A 138 -2.59 37.60 11.39
N VAL A 139 -1.61 37.98 12.19
CA VAL A 139 -0.90 37.00 13.00
C VAL A 139 -1.89 36.33 13.95
N LYS A 140 -2.72 37.14 14.60
CA LYS A 140 -3.70 36.62 15.55
C LYS A 140 -4.78 35.78 14.87
N GLU A 141 -5.14 36.13 13.64
CA GLU A 141 -6.13 35.35 12.90
C GLU A 141 -5.53 33.99 12.56
N THR A 142 -4.23 33.97 12.27
CA THR A 142 -3.55 32.74 11.93
C THR A 142 -3.48 31.83 13.15
N VAL A 143 -3.31 32.41 14.33
CA VAL A 143 -3.31 31.62 15.56
C VAL A 143 -4.67 30.94 15.67
N GLN A 144 -5.75 31.69 15.42
CA GLN A 144 -7.09 31.13 15.49
C GLN A 144 -7.30 30.03 14.44
N GLU A 145 -6.62 30.14 13.30
CA GLU A 145 -6.76 29.13 12.26
C GLU A 145 -6.12 27.81 12.67
N PHE A 146 -5.03 27.86 13.44
CA PHE A 146 -4.41 26.63 13.92
C PHE A 146 -5.36 26.00 14.93
N LYS A 147 -6.01 26.84 15.74
CA LYS A 147 -6.98 26.37 16.74
C LYS A 147 -8.17 25.72 16.05
N GLN A 148 -8.72 26.40 15.05
CA GLN A 148 -9.87 25.88 14.31
C GLN A 148 -9.50 24.59 13.60
N ALA A 149 -8.28 24.52 13.07
CA ALA A 149 -7.81 23.32 12.37
C ALA A 149 -7.70 22.16 13.36
N ALA A 150 -7.20 22.46 14.55
CA ALA A 150 -7.08 21.43 15.58
C ALA A 150 -8.45 20.88 15.95
N ALA A 151 -9.45 21.76 16.01
CA ALA A 151 -10.80 21.33 16.34
C ALA A 151 -11.33 20.38 15.28
N ARG A 152 -11.03 20.68 14.02
CA ARG A 152 -11.46 19.82 12.91
C ARG A 152 -10.74 18.47 12.99
N ALA A 153 -9.46 18.49 13.33
CA ALA A 153 -8.67 17.27 13.44
C ALA A 153 -9.27 16.37 14.52
N LYS A 154 -9.68 16.98 15.64
CA LYS A 154 -10.29 16.21 16.71
C LYS A 154 -11.59 15.57 16.23
N GLU A 155 -12.44 16.35 15.59
CA GLU A 155 -13.71 15.84 15.09
C GLU A 155 -13.50 14.74 14.04
N ALA A 156 -12.43 14.87 13.27
CA ALA A 156 -12.11 13.88 12.23
C ALA A 156 -11.57 12.57 12.80
N GLY A 157 -11.24 12.56 14.09
CA GLY A 157 -10.75 11.34 14.71
C GLY A 157 -9.26 11.09 14.84
N PHE A 158 -8.44 12.12 14.68
CA PHE A 158 -7.00 11.93 14.81
C PHE A 158 -6.60 11.65 16.25
N ASP A 159 -5.54 10.86 16.43
CA ASP A 159 -5.04 10.51 17.77
C ASP A 159 -3.99 11.50 18.27
N VAL A 160 -3.24 12.07 17.32
CA VAL A 160 -2.18 13.02 17.64
C VAL A 160 -2.21 14.22 16.71
N ILE A 161 -1.81 15.37 17.23
CA ILE A 161 -1.72 16.58 16.44
C ILE A 161 -0.28 17.08 16.56
N GLU A 162 0.36 17.36 15.43
CA GLU A 162 1.72 17.88 15.45
C GLU A 162 1.72 19.27 14.83
N ILE A 163 2.39 20.20 15.48
CA ILE A 163 2.50 21.56 14.98
C ILE A 163 3.81 21.65 14.18
N HIS A 164 3.70 22.10 12.93
CA HIS A 164 4.88 22.21 12.08
C HIS A 164 5.63 23.51 12.32
N ALA A 165 6.66 23.46 13.17
CA ALA A 165 7.45 24.64 13.47
C ALA A 165 8.87 24.51 12.91
N ALA A 166 9.01 23.74 11.83
CA ALA A 166 10.32 23.52 11.24
C ALA A 166 10.41 23.83 9.75
N HIS A 167 11.54 23.43 9.18
CA HIS A 167 11.85 23.53 7.76
C HIS A 167 11.63 24.87 7.06
N GLY A 168 11.87 25.95 7.79
CA GLY A 168 11.74 27.28 7.22
C GLY A 168 10.34 27.78 6.93
N TYR A 169 9.31 27.10 7.44
CA TYR A 169 7.94 27.53 7.19
C TYR A 169 7.52 28.65 8.17
N LEU A 170 6.24 29.02 8.19
CA LEU A 170 5.80 30.15 9.00
C LEU A 170 6.27 30.26 10.44
N ILE A 171 6.00 29.24 11.26
CA ILE A 171 6.41 29.31 12.65
C ILE A 171 7.93 29.41 12.83
N HIS A 172 8.69 28.63 12.07
CA HIS A 172 10.15 28.65 12.13
C HIS A 172 10.64 30.07 11.77
N GLU A 173 9.98 30.68 10.79
CA GLU A 173 10.34 32.03 10.37
C GLU A 173 10.21 33.01 11.53
N PHE A 174 9.18 32.84 12.36
CA PHE A 174 9.02 33.72 13.52
C PHE A 174 10.09 33.43 14.58
N LEU A 175 10.46 32.15 14.74
CA LEU A 175 11.45 31.77 15.75
C LEU A 175 12.88 32.28 15.51
N SER A 176 13.31 32.30 14.25
CA SER A 176 14.68 32.70 13.93
C SER A 176 14.94 34.17 13.64
N PRO A 177 16.03 34.72 14.21
CA PRO A 177 16.38 36.12 13.99
C PRO A 177 16.81 36.41 12.55
N LEU A 178 17.12 35.36 11.80
CA LEU A 178 17.53 35.53 10.41
C LEU A 178 16.33 35.88 9.53
N SER A 179 15.14 35.49 9.95
CA SER A 179 13.92 35.71 9.17
C SER A 179 12.89 36.62 9.85
N ASN A 180 13.08 36.87 11.14
CA ASN A 180 12.16 37.71 11.89
C ASN A 180 12.83 39.00 12.35
N HIS A 181 12.43 40.11 11.75
CA HIS A 181 12.96 41.42 12.08
C HIS A 181 11.84 42.32 12.59
N ARG A 182 10.75 41.71 13.06
CA ARG A 182 9.59 42.46 13.55
C ARG A 182 9.91 43.36 14.74
N THR A 183 9.17 44.46 14.83
CA THR A 183 9.35 45.42 15.91
C THR A 183 8.15 45.47 16.85
N ASP A 184 7.27 44.47 16.78
CA ASP A 184 6.12 44.42 17.67
C ASP A 184 6.27 43.25 18.65
N GLU A 185 5.19 42.86 19.30
CA GLU A 185 5.25 41.78 20.29
C GLU A 185 5.69 40.42 19.76
N TYR A 186 5.76 40.26 18.45
CA TYR A 186 6.15 38.97 17.89
C TYR A 186 7.61 38.89 17.39
N GLY A 187 8.42 39.90 17.72
CA GLY A 187 9.81 39.89 17.30
C GLY A 187 10.77 40.45 18.32
N GLY A 188 12.07 40.16 18.15
CA GLY A 188 13.09 40.66 19.05
C GLY A 188 13.73 39.60 19.94
N SER A 189 13.39 39.65 21.23
CA SER A 189 13.91 38.72 22.22
C SER A 189 13.43 37.30 21.94
N PRO A 190 14.07 36.29 22.56
CA PRO A 190 13.61 34.92 22.31
C PRO A 190 12.16 34.76 22.78
N GLU A 191 11.78 35.51 23.80
CA GLU A 191 10.41 35.46 24.32
C GLU A 191 9.42 35.94 23.26
N ASN A 192 9.72 37.05 22.61
CA ASN A 192 8.84 37.59 21.57
C ASN A 192 8.85 36.72 20.31
N ARG A 193 10.01 36.20 19.94
CA ARG A 193 10.11 35.34 18.76
C ARG A 193 9.36 34.02 18.96
N TYR A 194 9.27 33.59 20.22
CA TYR A 194 8.57 32.36 20.56
C TYR A 194 7.06 32.58 20.77
N ARG A 195 6.65 33.84 20.94
CA ARG A 195 5.25 34.17 21.20
C ARG A 195 4.21 33.58 20.24
N PHE A 196 4.48 33.60 18.94
CA PHE A 196 3.54 33.04 17.97
C PHE A 196 3.28 31.57 18.30
N LEU A 197 4.35 30.81 18.49
CA LEU A 197 4.23 29.39 18.82
C LEU A 197 3.54 29.23 20.18
N ARG A 198 3.88 30.08 21.13
CA ARG A 198 3.28 30.01 22.46
C ARG A 198 1.75 30.15 22.38
N GLU A 199 1.27 31.13 21.61
CA GLU A 199 -0.16 31.37 21.48
C GLU A 199 -0.85 30.23 20.72
N ILE A 200 -0.16 29.66 19.74
CA ILE A 200 -0.73 28.55 18.98
C ILE A 200 -0.93 27.36 19.93
N ILE A 201 0.09 27.05 20.73
CA ILE A 201 -0.01 25.93 21.66
C ILE A 201 -1.15 26.15 22.66
N ASP A 202 -1.22 27.34 23.26
CA ASP A 202 -2.27 27.62 24.23
C ASP A 202 -3.69 27.56 23.65
N GLU A 203 -3.87 28.09 22.44
CA GLU A 203 -5.18 28.07 21.82
C GLU A 203 -5.59 26.67 21.39
N VAL A 204 -4.63 25.91 20.87
CA VAL A 204 -4.91 24.53 20.46
C VAL A 204 -5.34 23.74 21.70
N LYS A 205 -4.72 24.01 22.84
CA LYS A 205 -5.06 23.32 24.07
C LYS A 205 -6.49 23.57 24.53
N GLN A 206 -7.12 24.63 24.04
CA GLN A 206 -8.48 24.94 24.44
C GLN A 206 -9.50 24.06 23.72
N VAL A 207 -9.08 23.41 22.64
CA VAL A 207 -9.96 22.54 21.89
C VAL A 207 -9.42 21.11 21.76
N TRP A 208 -8.18 20.90 22.17
CA TRP A 208 -7.54 19.59 22.07
C TRP A 208 -6.74 19.24 23.32
N ASP A 209 -7.12 18.16 23.99
CA ASP A 209 -6.45 17.71 25.21
C ASP A 209 -5.60 16.48 24.99
N GLY A 210 -5.53 15.99 23.75
CA GLY A 210 -4.74 14.80 23.46
C GLY A 210 -3.26 15.04 23.22
N PRO A 211 -2.53 14.01 22.77
CA PRO A 211 -1.09 14.11 22.49
C PRO A 211 -0.79 15.28 21.56
N LEU A 212 0.20 16.08 21.94
CA LEU A 212 0.60 17.24 21.13
C LEU A 212 2.10 17.19 20.86
N PHE A 213 2.45 17.11 19.58
CA PHE A 213 3.85 17.08 19.16
C PHE A 213 4.18 18.40 18.48
N VAL A 214 5.46 18.76 18.48
CA VAL A 214 5.93 19.95 17.77
C VAL A 214 7.21 19.57 17.04
N ARG A 215 7.25 19.77 15.73
CA ARG A 215 8.46 19.48 14.96
C ARG A 215 9.24 20.77 14.82
N VAL A 216 10.54 20.70 15.09
CA VAL A 216 11.42 21.87 14.99
C VAL A 216 12.64 21.58 14.12
N SER A 217 13.29 22.64 13.66
CA SER A 217 14.55 22.50 12.93
C SER A 217 15.52 22.94 14.02
N ALA A 218 16.18 21.98 14.64
CA ALA A 218 17.10 22.23 15.76
C ALA A 218 18.31 23.12 15.51
N SER A 219 18.57 23.44 14.25
CA SER A 219 19.68 24.34 13.90
C SER A 219 19.47 24.94 12.52
N ASP A 220 19.96 26.16 12.34
CA ASP A 220 19.88 26.84 11.05
C ASP A 220 21.22 26.67 10.32
N TYR A 221 22.21 26.10 11.01
CA TYR A 221 23.55 25.87 10.45
C TYR A 221 24.09 27.15 9.81
N THR A 222 23.75 28.29 10.39
CA THR A 222 24.17 29.57 9.84
C THR A 222 24.57 30.56 10.94
N ASP A 223 25.60 31.36 10.66
CA ASP A 223 26.06 32.35 11.62
C ASP A 223 24.93 33.31 11.95
N LYS A 224 24.75 33.59 13.24
CA LYS A 224 23.71 34.49 13.73
C LYS A 224 22.32 33.85 13.69
N GLY A 225 22.26 32.59 13.31
CA GLY A 225 20.99 31.89 13.26
C GLY A 225 20.80 31.07 14.51
N LEU A 226 19.74 30.28 14.57
CA LEU A 226 19.47 29.44 15.72
C LEU A 226 20.36 28.20 15.74
N ASP A 227 20.74 27.75 16.93
CA ASP A 227 21.55 26.55 17.08
C ASP A 227 20.90 25.68 18.16
N ILE A 228 21.49 24.54 18.45
CA ILE A 228 20.89 23.63 19.43
C ILE A 228 20.65 24.29 20.79
N ALA A 229 21.52 25.21 21.21
CA ALA A 229 21.35 25.90 22.48
C ALA A 229 20.02 26.66 22.49
N ASP A 230 19.70 27.33 21.39
CA ASP A 230 18.45 28.07 21.28
C ASP A 230 17.23 27.15 21.41
N HIS A 231 17.31 25.99 20.77
CA HIS A 231 16.20 25.06 20.80
C HIS A 231 16.02 24.32 22.11
N ILE A 232 17.10 24.19 22.88
CA ILE A 232 17.00 23.57 24.19
C ILE A 232 16.16 24.55 25.02
N GLY A 233 16.39 25.85 24.80
CA GLY A 233 15.65 26.87 25.51
C GLY A 233 14.17 26.86 25.16
N PHE A 234 13.86 26.76 23.87
CA PHE A 234 12.46 26.71 23.44
C PHE A 234 11.79 25.44 23.97
N ALA A 235 12.55 24.35 24.00
CA ALA A 235 12.04 23.07 24.47
C ALA A 235 11.58 23.14 25.92
N LYS A 236 12.33 23.87 26.75
CA LYS A 236 11.97 24.02 28.15
C LYS A 236 10.65 24.77 28.25
N TRP A 237 10.44 25.77 27.40
CA TRP A 237 9.19 26.52 27.43
C TRP A 237 8.02 25.66 26.94
N MSE A 238 8.26 24.83 25.92
CA MSE A 238 7.20 23.97 25.40
C MSE A 238 6.80 22.95 26.46
O MSE A 238 5.61 22.60 26.58
CB MSE A 238 7.67 23.24 24.13
CG MSE A 238 7.68 24.12 22.87
SE MSE A 238 8.03 23.23 21.30
CE MSE A 238 9.76 23.58 21.11
N LYS A 239 7.77 22.47 27.23
CA LYS A 239 7.48 21.51 28.29
C LYS A 239 6.50 22.13 29.28
N GLU A 240 6.76 23.38 29.67
CA GLU A 240 5.89 24.08 30.61
C GLU A 240 4.46 24.25 30.07
N GLN A 241 4.34 24.38 28.75
CA GLN A 241 3.03 24.55 28.12
C GLN A 241 2.26 23.25 27.89
N GLY A 242 2.90 22.11 28.15
CA GLY A 242 2.21 20.85 27.98
C GLY A 242 2.47 20.09 26.70
N VAL A 243 3.51 20.46 25.96
CA VAL A 243 3.85 19.75 24.73
C VAL A 243 4.40 18.39 25.17
N ASP A 244 3.94 17.32 24.51
CA ASP A 244 4.35 15.97 24.88
C ASP A 244 5.64 15.44 24.26
N LEU A 245 5.96 15.88 23.05
CA LEU A 245 7.18 15.40 22.39
C LEU A 245 7.66 16.38 21.33
N ILE A 246 8.98 16.46 21.20
CA ILE A 246 9.57 17.32 20.19
C ILE A 246 10.24 16.45 19.12
N ASP A 247 9.74 16.62 17.91
CA ASP A 247 10.17 15.92 16.69
C ASP A 247 11.37 16.74 16.19
N CYS A 248 12.57 16.17 16.32
CA CYS A 248 13.81 16.87 16.00
C CYS A 248 14.44 16.79 14.60
N SER A 249 14.11 17.75 13.76
CA SER A 249 14.67 17.83 12.42
C SER A 249 15.67 18.99 12.43
N SER A 250 16.00 19.54 11.26
CA SER A 250 16.95 20.64 11.22
C SER A 250 16.98 21.29 9.83
N GLY A 251 17.54 22.51 9.79
CA GLY A 251 17.70 23.24 8.54
C GLY A 251 16.48 23.72 7.76
N ALA A 252 16.77 24.20 6.55
CA ALA A 252 15.80 24.68 5.58
C ALA A 252 15.21 26.09 5.75
N LEU A 253 15.70 26.86 6.72
CA LEU A 253 15.19 28.23 6.87
C LEU A 253 15.77 29.05 5.72
N VAL A 254 17.03 28.76 5.40
CA VAL A 254 17.78 29.38 4.30
C VAL A 254 18.75 28.31 3.83
N HIS A 255 19.31 28.47 2.65
CA HIS A 255 20.26 27.49 2.14
C HIS A 255 21.51 27.47 3.03
N ALA A 256 22.01 26.26 3.32
CA ALA A 256 23.19 26.14 4.17
C ALA A 256 23.92 24.83 3.88
N ASP A 257 25.20 24.80 4.25
CA ASP A 257 26.04 23.62 4.06
C ASP A 257 25.78 22.68 5.23
N ILE A 258 25.17 21.53 4.94
CA ILE A 258 24.87 20.55 5.98
C ILE A 258 25.54 19.21 5.71
N ASN A 259 26.30 18.73 6.69
CA ASN A 259 27.00 17.45 6.58
C ASN A 259 25.96 16.36 6.87
N VAL A 260 25.50 15.68 5.83
CA VAL A 260 24.49 14.65 5.98
C VAL A 260 25.13 13.25 6.01
N PHE A 261 24.68 12.43 6.96
CA PHE A 261 25.18 11.07 7.14
C PHE A 261 24.18 10.33 8.01
N PRO A 262 24.30 9.00 8.13
CA PRO A 262 23.36 8.23 8.96
C PRO A 262 23.30 8.75 10.40
N GLY A 263 22.11 9.14 10.84
CA GLY A 263 21.92 9.65 12.19
C GLY A 263 22.44 11.06 12.43
N TYR A 264 22.57 11.86 11.38
CA TYR A 264 23.10 13.22 11.52
C TYR A 264 22.30 14.20 12.37
N GLN A 265 21.04 13.88 12.68
CA GLN A 265 20.24 14.77 13.51
C GLN A 265 19.97 14.18 14.90
N VAL A 266 20.57 13.03 15.18
CA VAL A 266 20.37 12.38 16.47
C VAL A 266 20.90 13.17 17.66
N SER A 267 22.00 13.88 17.49
CA SER A 267 22.55 14.64 18.62
C SER A 267 21.56 15.69 19.11
N PHE A 268 20.73 16.22 18.21
CA PHE A 268 19.73 17.22 18.60
C PHE A 268 18.67 16.59 19.49
N ALA A 269 18.20 15.40 19.09
CA ALA A 269 17.19 14.68 19.85
C ALA A 269 17.72 14.29 21.23
N GLU A 270 18.99 13.88 21.29
CA GLU A 270 19.59 13.45 22.55
C GLU A 270 19.79 14.63 23.51
N LYS A 271 20.28 15.75 22.98
CA LYS A 271 20.53 16.92 23.82
C LYS A 271 19.24 17.56 24.35
N ILE A 272 18.20 17.64 23.52
CA ILE A 272 16.94 18.21 23.96
C ILE A 272 16.29 17.29 25.00
N ARG A 273 16.38 15.98 24.76
CA ARG A 273 15.81 15.01 25.68
C ARG A 273 16.42 15.12 27.07
N GLU A 274 17.76 15.16 27.11
CA GLU A 274 18.48 15.25 28.37
C GLU A 274 18.38 16.61 29.07
N GLN A 275 18.61 17.68 28.33
CA GLN A 275 18.58 19.02 28.92
C GLN A 275 17.21 19.64 29.18
N ALA A 276 16.20 19.27 28.39
CA ALA A 276 14.87 19.82 28.58
C ALA A 276 13.90 18.83 29.20
N ASP A 277 14.39 17.63 29.50
CA ASP A 277 13.55 16.59 30.10
C ASP A 277 12.28 16.41 29.27
N MSE A 278 12.45 16.41 27.95
CA MSE A 278 11.35 16.28 27.01
C MSE A 278 11.52 15.05 26.12
O MSE A 278 12.61 14.78 25.62
CB MSE A 278 11.28 17.54 26.13
CG MSE A 278 10.37 17.44 24.91
SE MSE A 278 8.60 17.62 25.26
CE MSE A 278 8.47 19.43 25.39
N ALA A 279 10.44 14.30 25.93
CA ALA A 279 10.49 13.12 25.07
C ALA A 279 10.80 13.66 23.67
N THR A 280 11.60 12.92 22.91
CA THR A 280 11.95 13.36 21.57
C THR A 280 11.84 12.30 20.50
N GLY A 281 11.68 12.79 19.27
CA GLY A 281 11.62 11.90 18.12
C GLY A 281 12.87 12.16 17.30
N ALA A 282 13.56 11.08 16.92
CA ALA A 282 14.77 11.19 16.12
C ALA A 282 14.41 10.93 14.66
N VAL A 283 15.03 11.68 13.75
CA VAL A 283 14.75 11.50 12.33
C VAL A 283 15.99 11.91 11.53
N GLY A 284 16.17 11.32 10.35
CA GLY A 284 17.30 11.68 9.51
C GLY A 284 18.26 10.57 9.12
N MSE A 285 18.03 10.01 7.94
CA MSE A 285 18.87 8.93 7.42
C MSE A 285 18.99 7.70 8.32
O MSE A 285 20.05 7.11 8.45
CB MSE A 285 20.26 9.48 7.03
CG MSE A 285 20.18 10.42 5.82
SE MSE A 285 21.77 10.86 5.07
CE MSE A 285 22.44 9.28 4.77
N ILE A 286 17.86 7.35 8.95
CA ILE A 286 17.79 6.15 9.78
C ILE A 286 17.08 5.19 8.83
N THR A 287 17.78 4.13 8.42
CA THR A 287 17.24 3.18 7.46
C THR A 287 17.20 1.72 7.86
N ASP A 288 17.58 1.41 9.09
CA ASP A 288 17.55 0.01 9.52
C ASP A 288 17.19 -0.13 10.99
N GLY A 289 16.81 -1.36 11.35
CA GLY A 289 16.41 -1.64 12.72
C GLY A 289 17.54 -1.55 13.73
N SER A 290 18.76 -1.88 13.31
CA SER A 290 19.91 -1.85 14.22
C SER A 290 20.18 -0.44 14.75
N MSE A 291 20.16 0.55 13.85
CA MSE A 291 20.39 1.93 14.26
C MSE A 291 19.22 2.44 15.10
O MSE A 291 19.40 3.16 16.08
CB MSE A 291 20.59 2.84 13.05
CG MSE A 291 20.91 4.31 13.42
SE MSE A 291 21.50 5.36 12.05
CE MSE A 291 23.11 4.63 11.77
N ALA A 292 18.00 2.05 14.72
CA ALA A 292 16.81 2.46 15.45
C ALA A 292 16.91 1.96 16.89
N GLU A 293 17.31 0.71 17.05
CA GLU A 293 17.45 0.11 18.38
C GLU A 293 18.55 0.79 19.20
N GLU A 294 19.68 1.10 18.57
CA GLU A 294 20.80 1.75 19.26
C GLU A 294 20.39 3.12 19.80
N ILE A 295 19.69 3.88 18.97
CA ILE A 295 19.22 5.21 19.35
C ILE A 295 18.32 5.14 20.58
N LEU A 296 17.38 4.19 20.57
CA LEU A 296 16.47 4.02 21.69
C LEU A 296 17.17 3.48 22.94
N GLN A 297 17.96 2.43 22.77
CA GLN A 297 18.66 1.80 23.88
C GLN A 297 19.71 2.70 24.55
N ASN A 298 20.39 3.53 23.78
CA ASN A 298 21.38 4.43 24.37
C ASN A 298 20.73 5.72 24.89
N GLY A 299 19.40 5.74 24.92
CA GLY A 299 18.65 6.88 25.42
C GLY A 299 18.77 8.18 24.65
N ARG A 300 18.88 8.09 23.34
CA ARG A 300 19.03 9.29 22.51
C ARG A 300 17.68 9.86 22.03
N ALA A 301 16.62 9.06 22.08
CA ALA A 301 15.28 9.49 21.66
C ALA A 301 14.22 8.50 22.13
N ASP A 302 12.95 8.87 22.01
CA ASP A 302 11.85 7.99 22.43
C ASP A 302 11.07 7.35 21.28
N LEU A 303 11.04 8.04 20.15
CA LEU A 303 10.37 7.53 18.96
C LEU A 303 11.33 7.66 17.79
N ILE A 304 11.25 6.72 16.86
CA ILE A 304 12.11 6.74 15.68
C ILE A 304 11.26 7.06 14.45
N PHE A 305 11.48 8.26 13.91
CA PHE A 305 10.75 8.71 12.73
C PHE A 305 11.49 8.22 11.48
N ILE A 306 10.75 7.58 10.58
CA ILE A 306 11.30 7.04 9.35
C ILE A 306 10.59 7.69 8.16
N GLY A 307 11.37 8.27 7.26
CA GLY A 307 10.81 8.92 6.10
C GLY A 307 11.04 8.14 4.81
N ARG A 308 12.14 8.45 4.14
CA ARG A 308 12.43 7.81 2.86
C ARG A 308 12.51 6.29 2.85
N GLU A 309 12.96 5.66 3.94
CA GLU A 309 13.02 4.21 3.91
C GLU A 309 11.61 3.61 3.83
N LEU A 310 10.60 4.34 4.34
CA LEU A 310 9.22 3.86 4.27
C LEU A 310 8.63 4.08 2.87
N LEU A 311 9.31 4.89 2.05
CA LEU A 311 8.87 5.10 0.68
C LEU A 311 9.44 3.95 -0.16
N ARG A 312 10.61 3.46 0.24
CA ARG A 312 11.26 2.34 -0.45
C ARG A 312 10.70 1.00 0.03
N ASP A 313 10.38 0.93 1.32
CA ASP A 313 9.88 -0.29 1.95
C ASP A 313 8.73 0.01 2.92
N PRO A 314 7.48 -0.01 2.42
CA PRO A 314 6.32 0.27 3.25
C PRO A 314 6.20 -0.67 4.46
N PHE A 315 6.80 -1.84 4.33
CA PHE A 315 6.76 -2.84 5.39
C PHE A 315 8.08 -2.89 6.18
N PHE A 316 8.67 -1.71 6.36
CA PHE A 316 9.92 -1.55 7.09
C PHE A 316 9.84 -2.22 8.47
N ALA A 317 8.68 -2.18 9.10
CA ALA A 317 8.52 -2.80 10.42
C ALA A 317 8.93 -4.26 10.39
N ARG A 318 8.51 -4.98 9.36
CA ARG A 318 8.87 -6.39 9.23
C ARG A 318 10.36 -6.55 9.00
N THR A 319 10.91 -5.74 8.10
CA THR A 319 12.34 -5.80 7.79
C THR A 319 13.18 -5.54 9.03
N ALA A 320 12.79 -4.55 9.82
CA ALA A 320 13.51 -4.19 11.04
C ALA A 320 13.43 -5.33 12.05
N ALA A 321 12.26 -5.95 12.17
CA ALA A 321 12.09 -7.06 13.10
C ALA A 321 13.07 -8.18 12.73
N LYS A 322 13.18 -8.47 11.44
CA LYS A 322 14.08 -9.53 10.99
C LYS A 322 15.54 -9.16 11.29
N GLN A 323 15.91 -7.91 11.03
CA GLN A 323 17.28 -7.46 11.28
C GLN A 323 17.66 -7.58 12.75
N LEU A 324 16.67 -7.38 13.63
CA LEU A 324 16.88 -7.47 15.07
C LEU A 324 16.62 -8.87 15.61
N ASN A 325 16.43 -9.82 14.69
CA ASN A 325 16.19 -11.21 15.07
C ASN A 325 15.05 -11.35 16.08
N THR A 326 13.91 -10.72 15.78
CA THR A 326 12.76 -10.77 16.66
C THR A 326 11.48 -10.99 15.86
N GLU A 327 10.37 -11.18 16.55
CA GLU A 327 9.08 -11.42 15.90
C GLU A 327 8.02 -10.39 16.29
N ILE A 328 7.16 -10.04 15.33
CA ILE A 328 6.07 -9.09 15.56
C ILE A 328 4.82 -9.59 14.84
N PRO A 329 3.63 -9.19 15.31
CA PRO A 329 2.39 -9.62 14.67
C PRO A 329 2.29 -9.12 13.24
N ALA A 330 1.78 -9.98 12.36
CA ALA A 330 1.62 -9.60 10.96
C ALA A 330 0.14 -9.30 10.72
N PRO A 331 -0.16 -8.49 9.69
CA PRO A 331 -1.58 -8.21 9.44
C PRO A 331 -2.19 -9.58 9.13
N VAL A 332 -3.39 -9.84 9.63
CA VAL A 332 -4.03 -11.14 9.45
C VAL A 332 -4.03 -11.67 8.01
N GLN A 333 -4.32 -10.79 7.05
CA GLN A 333 -4.37 -11.19 5.65
C GLN A 333 -3.05 -11.69 5.06
N TYR A 334 -1.93 -11.32 5.68
CA TYR A 334 -0.62 -11.73 5.17
C TYR A 334 0.12 -12.75 6.03
N GLU A 335 -0.59 -13.42 6.93
CA GLU A 335 0.02 -14.41 7.81
C GLU A 335 0.82 -15.49 7.08
N ARG A 336 0.43 -15.83 5.86
CA ARG A 336 1.13 -16.85 5.11
C ARG A 336 2.30 -16.33 4.27
N GLY A 337 2.61 -15.05 4.43
CA GLY A 337 3.72 -14.47 3.70
C GLY A 337 4.78 -13.89 4.61
N TRP A 338 4.36 -13.22 5.68
CA TRP A 338 5.30 -12.60 6.62
C TRP A 338 6.10 -13.58 7.45
N ALA B 2 18.48 -3.51 -21.91
CA ALA B 2 18.15 -3.56 -20.45
C ALA B 2 17.82 -4.98 -20.02
N ARG B 3 17.12 -5.10 -18.90
CA ARG B 3 16.73 -6.40 -18.37
C ARG B 3 15.37 -6.81 -18.94
N LYS B 4 15.25 -8.07 -19.32
CA LYS B 4 14.01 -8.58 -19.89
C LYS B 4 12.83 -8.39 -18.94
N LEU B 5 13.08 -8.57 -17.64
CA LEU B 5 12.04 -8.43 -16.63
C LEU B 5 11.36 -7.06 -16.68
N PHE B 6 12.11 -6.06 -17.11
CA PHE B 6 11.59 -4.70 -17.17
C PHE B 6 11.39 -4.18 -18.59
N THR B 7 11.20 -5.09 -19.52
CA THR B 7 10.95 -4.73 -20.92
C THR B 7 9.46 -4.96 -21.19
N PRO B 8 8.81 -4.00 -21.86
CA PRO B 8 7.38 -4.14 -22.16
C PRO B 8 7.03 -5.37 -23.00
N ILE B 9 5.79 -5.82 -22.88
CA ILE B 9 5.28 -6.96 -23.64
C ILE B 9 3.82 -6.68 -24.00
N THR B 10 3.44 -7.01 -25.23
CA THR B 10 2.07 -6.78 -25.67
C THR B 10 1.26 -8.05 -25.90
N ILE B 11 0.05 -8.07 -25.35
CA ILE B 11 -0.86 -9.19 -25.50
C ILE B 11 -2.19 -8.61 -25.99
N LYS B 12 -2.51 -8.89 -27.25
CA LYS B 12 -3.73 -8.36 -27.86
C LYS B 12 -3.59 -6.85 -27.92
N ASP B 13 -4.53 -6.13 -27.32
CA ASP B 13 -4.47 -4.67 -27.31
C ASP B 13 -4.03 -4.15 -25.94
N MSE B 14 -3.33 -5.00 -25.20
CA MSE B 14 -2.85 -4.64 -23.87
C MSE B 14 -1.33 -4.73 -23.78
O MSE B 14 -0.74 -5.78 -24.02
CB MSE B 14 -3.46 -5.55 -22.80
CG MSE B 14 -2.92 -5.33 -21.39
SE MSE B 14 -3.48 -6.54 -20.19
CE MSE B 14 -2.34 -7.90 -20.56
N THR B 15 -0.69 -3.62 -23.41
CA THR B 15 0.76 -3.60 -23.26
C THR B 15 1.11 -3.43 -21.79
N LEU B 16 1.91 -4.36 -21.28
CA LEU B 16 2.35 -4.32 -19.88
C LEU B 16 3.71 -3.64 -19.87
N LYS B 17 3.95 -2.77 -18.89
CA LYS B 17 5.22 -2.06 -18.82
C LYS B 17 6.41 -2.89 -18.34
N ASN B 18 6.13 -3.99 -17.64
CA ASN B 18 7.17 -4.90 -17.20
C ASN B 18 6.54 -6.29 -17.13
N ARG B 19 7.34 -7.31 -16.83
CA ARG B 19 6.82 -8.65 -16.83
C ARG B 19 6.53 -9.26 -15.47
N ILE B 20 6.35 -8.39 -14.48
CA ILE B 20 6.03 -8.81 -13.12
C ILE B 20 4.51 -8.80 -12.94
N VAL B 21 3.97 -9.92 -12.45
CA VAL B 21 2.53 -10.03 -12.23
C VAL B 21 2.22 -10.36 -10.77
N MSE B 22 1.23 -9.68 -10.20
CA MSE B 22 0.81 -9.97 -8.83
C MSE B 22 -0.15 -11.14 -8.94
O MSE B 22 -1.27 -11.01 -9.48
CB MSE B 22 0.11 -8.77 -8.16
CG MSE B 22 -0.32 -9.02 -6.71
SE MSE B 22 -1.04 -7.56 -5.83
CE MSE B 22 -1.18 -8.24 -4.16
N SER B 23 0.28 -12.30 -8.46
CA SER B 23 -0.50 -13.52 -8.52
C SER B 23 -1.79 -13.36 -7.70
N PRO B 24 -2.90 -13.90 -8.18
CA PRO B 24 -4.16 -13.77 -7.43
C PRO B 24 -4.05 -14.38 -6.03
N MSE B 25 -4.47 -13.63 -5.00
CA MSE B 25 -4.40 -14.11 -3.62
C MSE B 25 -5.62 -13.68 -2.81
O MSE B 25 -5.84 -12.49 -2.56
CB MSE B 25 -3.11 -13.62 -2.92
CG MSE B 25 -1.79 -14.28 -3.40
SE MSE B 25 -0.20 -13.67 -2.59
CE MSE B 25 -0.08 -12.05 -3.43
N CYS B 26 -6.43 -14.67 -2.40
CA CYS B 26 -7.62 -14.41 -1.59
C CYS B 26 -7.26 -13.68 -0.30
N MSE B 27 -8.09 -12.69 0.04
CA MSE B 27 -7.87 -11.90 1.24
C MSE B 27 -8.92 -12.14 2.32
O MSE B 27 -8.78 -11.65 3.45
CB MSE B 27 -7.83 -10.41 0.87
CG MSE B 27 -6.56 -10.00 0.12
SE MSE B 27 -5.02 -10.13 1.10
CE MSE B 27 -4.12 -11.42 0.20
N TYR B 28 -9.96 -12.89 1.99
CA TYR B 28 -11.03 -13.23 2.94
C TYR B 28 -11.46 -12.01 3.74
N SER B 29 -11.70 -10.91 3.04
CA SER B 29 -12.07 -9.66 3.70
C SER B 29 -13.41 -9.04 3.33
N SER B 30 -14.29 -9.80 2.69
CA SER B 30 -15.62 -9.28 2.35
C SER B 30 -16.51 -9.63 3.56
N HIS B 31 -16.35 -8.86 4.64
CA HIS B 31 -17.07 -9.11 5.89
C HIS B 31 -18.60 -9.14 5.89
N GLU B 32 -19.22 -8.41 4.99
CA GLU B 32 -20.69 -8.40 4.93
C GLU B 32 -21.23 -9.67 4.27
N LYS B 33 -20.32 -10.53 3.84
CA LYS B 33 -20.68 -11.81 3.22
C LYS B 33 -21.53 -11.65 1.96
N ASP B 34 -21.36 -10.53 1.26
CA ASP B 34 -22.12 -10.26 0.05
C ASP B 34 -21.24 -10.17 -1.18
N GLY B 35 -19.97 -10.55 -1.03
CA GLY B 35 -19.02 -10.53 -2.13
C GLY B 35 -18.50 -9.16 -2.57
N LYS B 36 -18.90 -8.11 -1.86
CA LYS B 36 -18.47 -6.76 -2.23
C LYS B 36 -17.09 -6.38 -1.71
N LEU B 37 -16.48 -5.40 -2.37
CA LEU B 37 -15.17 -4.89 -2.00
C LEU B 37 -15.28 -4.02 -0.75
N THR B 38 -14.17 -3.91 -0.04
CA THR B 38 -14.10 -3.10 1.18
C THR B 38 -12.86 -2.22 1.08
N PRO B 39 -12.75 -1.21 1.97
CA PRO B 39 -11.58 -0.33 1.94
C PRO B 39 -10.25 -1.07 2.01
N PHE B 40 -10.18 -2.17 2.75
CA PHE B 40 -8.94 -2.93 2.84
C PHE B 40 -8.51 -3.42 1.46
N HIS B 41 -9.45 -3.96 0.69
CA HIS B 41 -9.13 -4.45 -0.66
C HIS B 41 -8.53 -3.32 -1.50
N MSE B 42 -9.13 -2.14 -1.41
CA MSE B 42 -8.65 -1.00 -2.19
C MSE B 42 -7.18 -0.67 -1.87
O MSE B 42 -6.37 -0.54 -2.79
CB MSE B 42 -9.54 0.23 -1.96
CG MSE B 42 -11.04 0.05 -2.30
SE MSE B 42 -11.46 -0.39 -4.02
CE MSE B 42 -11.23 1.12 -4.84
N ALA B 43 -6.84 -0.54 -0.60
CA ALA B 43 -5.48 -0.21 -0.21
C ALA B 43 -4.51 -1.33 -0.58
N HIS B 44 -4.94 -2.57 -0.35
CA HIS B 44 -4.14 -3.76 -0.64
C HIS B 44 -3.70 -3.81 -2.10
N TYR B 45 -4.65 -3.69 -3.03
CA TYR B 45 -4.34 -3.75 -4.45
C TYR B 45 -3.72 -2.48 -5.02
N ILE B 46 -4.26 -1.32 -4.67
CA ILE B 46 -3.73 -0.07 -5.19
C ILE B 46 -2.28 0.17 -4.76
N SER B 47 -1.89 -0.27 -3.58
CA SER B 47 -0.51 -0.06 -3.13
C SER B 47 0.51 -0.77 -4.03
N ARG B 48 0.16 -1.93 -4.59
CA ARG B 48 1.10 -2.62 -5.49
C ARG B 48 1.15 -1.94 -6.85
N ALA B 49 0.11 -1.16 -7.17
CA ALA B 49 0.08 -0.43 -8.44
C ALA B 49 1.04 0.75 -8.25
N ILE B 50 0.99 1.36 -7.07
CA ILE B 50 1.90 2.46 -6.75
C ILE B 50 3.31 1.82 -6.83
N GLY B 51 3.39 0.56 -6.41
CA GLY B 51 4.64 -0.19 -6.41
C GLY B 51 5.18 -0.64 -7.76
N GLN B 52 4.51 -0.25 -8.84
CA GLN B 52 4.93 -0.56 -10.21
C GLN B 52 4.80 -1.98 -10.75
N VAL B 53 3.91 -2.78 -10.17
CA VAL B 53 3.69 -4.12 -10.68
C VAL B 53 3.01 -3.96 -12.05
N GLY B 54 3.53 -4.63 -13.08
CA GLY B 54 2.96 -4.50 -14.41
C GLY B 54 1.51 -4.90 -14.54
N LEU B 55 1.15 -6.03 -13.95
CA LEU B 55 -0.23 -6.53 -14.02
C LEU B 55 -0.64 -7.09 -12.67
N ILE B 56 -1.79 -6.63 -12.18
CA ILE B 56 -2.32 -7.07 -10.90
C ILE B 56 -3.55 -7.93 -11.14
N ILE B 57 -3.52 -9.17 -10.69
CA ILE B 57 -4.67 -10.05 -10.84
C ILE B 57 -5.43 -10.15 -9.53
N VAL B 58 -6.69 -9.70 -9.55
CA VAL B 58 -7.53 -9.76 -8.36
C VAL B 58 -7.86 -11.21 -8.01
N GLU B 59 -7.88 -11.47 -6.70
CA GLU B 59 -8.17 -12.77 -6.11
C GLU B 59 -9.40 -13.48 -6.67
N ALA B 60 -9.45 -14.79 -6.46
CA ALA B 60 -10.58 -15.61 -6.91
C ALA B 60 -11.92 -14.96 -6.57
N SER B 61 -12.70 -14.65 -7.60
CA SER B 61 -14.01 -14.02 -7.44
C SER B 61 -15.09 -14.97 -7.96
N ALA B 62 -15.98 -15.40 -7.06
CA ALA B 62 -17.04 -16.36 -7.38
C ALA B 62 -18.10 -15.93 -8.38
N VAL B 63 -18.40 -16.82 -9.32
CA VAL B 63 -19.40 -16.56 -10.35
C VAL B 63 -20.82 -16.97 -9.88
N ASN B 64 -20.90 -17.61 -8.72
CA ASN B 64 -22.16 -18.03 -8.11
C ASN B 64 -21.90 -17.97 -6.61
N PRO B 65 -22.87 -17.50 -5.81
CA PRO B 65 -22.63 -17.43 -4.37
C PRO B 65 -22.20 -18.75 -3.72
N GLN B 66 -22.71 -19.86 -4.22
CA GLN B 66 -22.36 -21.17 -3.66
C GLN B 66 -21.04 -21.68 -4.23
N GLY B 67 -20.40 -20.84 -5.05
CA GLY B 67 -19.12 -21.18 -5.64
C GLY B 67 -17.96 -20.49 -4.93
N ARG B 68 -18.27 -19.80 -3.83
CA ARG B 68 -17.24 -19.13 -3.05
C ARG B 68 -16.47 -20.17 -2.25
N ILE B 69 -15.21 -19.87 -1.93
CA ILE B 69 -14.40 -20.78 -1.13
C ILE B 69 -14.90 -20.58 0.31
N THR B 70 -15.08 -19.32 0.70
CA THR B 70 -15.59 -18.96 2.02
C THR B 70 -16.60 -17.83 1.85
N ASP B 71 -17.42 -17.58 2.87
CA ASP B 71 -18.41 -16.52 2.78
C ASP B 71 -17.80 -15.12 2.87
N GLN B 72 -16.47 -15.06 2.98
CA GLN B 72 -15.76 -13.80 3.05
C GLN B 72 -15.05 -13.48 1.72
N ASP B 73 -15.33 -14.29 0.71
CA ASP B 73 -14.73 -14.11 -0.61
C ASP B 73 -15.36 -13.00 -1.43
N LEU B 74 -14.62 -12.53 -2.42
CA LEU B 74 -15.14 -11.51 -3.33
C LEU B 74 -16.05 -12.26 -4.30
N GLY B 75 -17.02 -11.54 -4.86
CA GLY B 75 -17.92 -12.16 -5.81
C GLY B 75 -18.10 -11.28 -7.04
N ILE B 76 -18.63 -11.89 -8.11
CA ILE B 76 -18.90 -11.16 -9.33
C ILE B 76 -20.13 -11.81 -9.99
N TRP B 77 -21.01 -12.36 -9.14
CA TRP B 77 -22.23 -13.02 -9.57
C TRP B 77 -23.43 -12.09 -9.66
N SER B 78 -23.27 -10.84 -9.22
CA SER B 78 -24.36 -9.87 -9.22
C SER B 78 -23.99 -8.55 -9.88
N ASP B 79 -24.97 -7.90 -10.50
CA ASP B 79 -24.71 -6.62 -11.13
C ASP B 79 -24.36 -5.60 -10.04
N GLU B 80 -24.71 -5.94 -8.80
CA GLU B 80 -24.41 -5.07 -7.66
C GLU B 80 -22.91 -5.01 -7.38
N HIS B 81 -22.15 -5.96 -7.93
CA HIS B 81 -20.69 -6.00 -7.74
C HIS B 81 -19.95 -5.09 -8.71
N ILE B 82 -20.62 -4.69 -9.79
CA ILE B 82 -19.99 -3.85 -10.80
C ILE B 82 -19.49 -2.50 -10.29
N GLU B 83 -20.31 -1.80 -9.52
CA GLU B 83 -19.94 -0.49 -9.00
C GLU B 83 -18.58 -0.48 -8.28
N GLY B 84 -18.39 -1.42 -7.36
CA GLY B 84 -17.14 -1.51 -6.61
C GLY B 84 -15.94 -1.81 -7.48
N PHE B 85 -16.06 -2.80 -8.36
CA PHE B 85 -14.96 -3.16 -9.23
C PHE B 85 -14.58 -2.01 -10.16
N ALA B 86 -15.58 -1.24 -10.60
CA ALA B 86 -15.32 -0.12 -11.50
C ALA B 86 -14.41 0.91 -10.83
N LYS B 87 -14.60 1.11 -9.53
CA LYS B 87 -13.77 2.05 -8.78
C LYS B 87 -12.35 1.51 -8.64
N LEU B 88 -12.23 0.21 -8.38
CA LEU B 88 -10.91 -0.42 -8.23
C LEU B 88 -10.10 -0.42 -9.52
N THR B 89 -10.71 -0.78 -10.65
CA THR B 89 -9.96 -0.79 -11.89
C THR B 89 -9.52 0.63 -12.27
N GLU B 90 -10.39 1.60 -12.04
CA GLU B 90 -10.04 2.99 -12.38
C GLU B 90 -8.81 3.44 -11.61
N GLN B 91 -8.76 3.16 -10.31
CA GLN B 91 -7.63 3.56 -9.48
C GLN B 91 -6.33 2.81 -9.73
N VAL B 92 -6.42 1.51 -9.97
CA VAL B 92 -5.21 0.73 -10.24
C VAL B 92 -4.58 1.19 -11.56
N LYS B 93 -5.42 1.40 -12.57
CA LYS B 93 -4.93 1.84 -13.87
C LYS B 93 -4.39 3.27 -13.80
N GLU B 94 -4.98 4.08 -12.94
CA GLU B 94 -4.54 5.47 -12.77
C GLU B 94 -3.12 5.50 -12.20
N GLN B 95 -2.78 4.49 -11.41
CA GLN B 95 -1.45 4.43 -10.82
C GLN B 95 -0.41 3.82 -11.77
N GLY B 96 -0.85 3.44 -12.96
CA GLY B 96 0.06 2.91 -13.95
C GLY B 96 0.13 1.41 -14.23
N SER B 97 -0.74 0.62 -13.60
CA SER B 97 -0.73 -0.82 -13.80
C SER B 97 -1.95 -1.29 -14.59
N LYS B 98 -1.87 -2.51 -15.12
CA LYS B 98 -3.01 -3.10 -15.81
C LYS B 98 -3.63 -4.01 -14.75
N ILE B 99 -4.90 -4.34 -14.90
CA ILE B 99 -5.57 -5.15 -13.89
C ILE B 99 -6.42 -6.27 -14.48
N GLY B 100 -6.39 -7.41 -13.80
CA GLY B 100 -7.18 -8.56 -14.23
C GLY B 100 -7.98 -9.09 -13.07
N ILE B 101 -8.89 -10.02 -13.36
CA ILE B 101 -9.70 -10.65 -12.32
C ILE B 101 -9.76 -12.15 -12.60
N GLN B 102 -9.70 -12.94 -11.53
CA GLN B 102 -9.75 -14.39 -11.66
C GLN B 102 -11.19 -14.85 -11.40
N LEU B 103 -11.86 -15.36 -12.44
CA LEU B 103 -13.24 -15.85 -12.31
C LEU B 103 -13.16 -17.27 -11.76
N ALA B 104 -13.91 -17.53 -10.68
CA ALA B 104 -13.82 -18.83 -10.03
C ALA B 104 -15.11 -19.46 -9.50
N HIS B 105 -14.98 -20.74 -9.17
CA HIS B 105 -16.05 -21.53 -8.57
C HIS B 105 -15.32 -22.64 -7.82
N ALA B 106 -15.47 -22.65 -6.51
CA ALA B 106 -14.79 -23.59 -5.63
C ALA B 106 -15.21 -25.05 -5.72
N GLY B 107 -16.36 -25.32 -6.34
CA GLY B 107 -16.80 -26.70 -6.45
C GLY B 107 -16.88 -27.43 -5.12
N ARG B 108 -16.33 -28.64 -5.06
CA ARG B 108 -16.37 -29.44 -3.84
C ARG B 108 -15.49 -28.90 -2.71
N LYS B 109 -14.70 -27.86 -2.99
CA LYS B 109 -13.85 -27.29 -1.95
C LYS B 109 -14.49 -26.04 -1.34
N ALA B 110 -15.76 -25.78 -1.69
CA ALA B 110 -16.47 -24.64 -1.13
C ALA B 110 -16.77 -24.90 0.33
N GLU B 111 -16.44 -23.95 1.19
CA GLU B 111 -16.67 -24.06 2.63
C GLU B 111 -17.92 -23.26 3.01
N LEU B 112 -19.07 -23.70 2.52
CA LEU B 112 -20.32 -22.99 2.78
C LEU B 112 -21.41 -23.95 3.28
N GLU B 113 -22.43 -23.39 3.92
CA GLU B 113 -23.54 -24.18 4.41
C GLU B 113 -24.46 -24.46 3.23
N GLY B 114 -25.14 -25.60 3.27
CA GLY B 114 -26.03 -25.94 2.17
C GLY B 114 -25.28 -26.82 1.18
N ASP B 115 -25.99 -27.35 0.19
CA ASP B 115 -25.35 -28.21 -0.80
C ASP B 115 -24.27 -27.50 -1.61
N ILE B 116 -23.18 -28.20 -1.86
CA ILE B 116 -22.08 -27.67 -2.68
C ILE B 116 -22.05 -28.59 -3.90
N PHE B 117 -21.46 -28.14 -5.01
CA PHE B 117 -21.47 -28.94 -6.23
C PHE B 117 -20.13 -29.37 -6.81
N ALA B 118 -20.17 -30.43 -7.60
CA ALA B 118 -18.99 -30.98 -8.25
C ALA B 118 -19.40 -31.84 -9.44
N PRO B 119 -18.44 -32.31 -10.24
CA PRO B 119 -18.80 -33.16 -11.39
C PRO B 119 -19.30 -34.53 -10.93
N SER B 120 -18.78 -34.98 -9.80
CA SER B 120 -19.17 -36.27 -9.23
C SER B 120 -19.27 -36.14 -7.71
N ALA B 121 -20.09 -36.99 -7.09
CA ALA B 121 -20.27 -36.98 -5.65
C ALA B 121 -19.08 -37.62 -4.93
N ILE B 122 -17.94 -36.94 -4.96
CA ILE B 122 -16.72 -37.41 -4.31
C ILE B 122 -16.16 -36.27 -3.48
N ALA B 123 -16.01 -36.49 -2.18
CA ALA B 123 -15.50 -35.45 -1.29
C ALA B 123 -14.00 -35.19 -1.45
N PHE B 124 -13.60 -33.95 -1.18
CA PHE B 124 -12.20 -33.55 -1.27
C PHE B 124 -11.35 -34.40 -0.31
N ASP B 125 -11.84 -34.54 0.92
CA ASP B 125 -11.13 -35.34 1.92
C ASP B 125 -12.05 -35.71 3.08
N GLU B 126 -11.46 -36.35 4.07
CA GLU B 126 -12.17 -36.81 5.27
C GLU B 126 -12.98 -35.72 6.00
N GLN B 127 -12.47 -34.50 6.00
CA GLN B 127 -13.14 -33.41 6.70
C GLN B 127 -14.01 -32.52 5.82
N SER B 128 -14.36 -33.00 4.64
CA SER B 128 -15.19 -32.23 3.72
C SER B 128 -16.52 -32.90 3.42
N ALA B 129 -17.53 -32.08 3.14
CA ALA B 129 -18.86 -32.60 2.83
C ALA B 129 -18.85 -33.18 1.43
N THR B 130 -19.69 -34.19 1.21
CA THR B 130 -19.81 -34.82 -0.10
C THR B 130 -20.61 -33.87 -0.97
N PRO B 131 -20.08 -33.50 -2.14
CA PRO B 131 -20.79 -32.59 -3.03
C PRO B 131 -21.90 -33.26 -3.82
N VAL B 132 -22.81 -32.44 -4.35
CA VAL B 132 -23.91 -32.92 -5.15
C VAL B 132 -23.42 -32.98 -6.60
N GLU B 133 -23.69 -34.09 -7.27
CA GLU B 133 -23.29 -34.24 -8.66
C GLU B 133 -24.14 -33.28 -9.50
N MSE B 134 -23.49 -32.35 -10.20
CA MSE B 134 -24.22 -31.39 -11.03
C MSE B 134 -24.99 -32.09 -12.13
O MSE B 134 -24.47 -32.99 -12.78
CB MSE B 134 -23.27 -30.38 -11.69
CG MSE B 134 -22.65 -29.31 -10.80
SE MSE B 134 -21.79 -28.01 -11.78
CE MSE B 134 -21.70 -26.68 -10.55
N SER B 135 -26.24 -31.68 -12.34
CA SER B 135 -27.03 -32.25 -13.42
C SER B 135 -26.45 -31.58 -14.66
N ALA B 136 -26.73 -32.13 -15.84
CA ALA B 136 -26.22 -31.54 -17.07
C ALA B 136 -26.69 -30.09 -17.20
N GLU B 137 -27.92 -29.82 -16.79
CA GLU B 137 -28.47 -28.48 -16.88
C GLU B 137 -27.74 -27.52 -15.94
N LYS B 138 -27.40 -28.04 -14.73
CA LYS B 138 -26.69 -27.24 -13.74
C LYS B 138 -25.31 -26.87 -14.26
N VAL B 139 -24.68 -27.80 -14.99
CA VAL B 139 -23.37 -27.54 -15.55
C VAL B 139 -23.52 -26.42 -16.59
N LYS B 140 -24.56 -26.50 -17.40
CA LYS B 140 -24.80 -25.49 -18.43
C LYS B 140 -25.14 -24.13 -17.81
N GLU B 141 -25.84 -24.14 -16.68
CA GLU B 141 -26.18 -22.89 -16.00
C GLU B 141 -24.88 -22.27 -15.49
N THR B 142 -23.95 -23.10 -15.03
CA THR B 142 -22.67 -22.61 -14.51
C THR B 142 -21.82 -22.01 -15.64
N VAL B 143 -21.87 -22.61 -16.82
CA VAL B 143 -21.13 -22.06 -17.94
C VAL B 143 -21.69 -20.65 -18.20
N GLN B 144 -23.01 -20.51 -18.18
CA GLN B 144 -23.63 -19.21 -18.40
C GLN B 144 -23.23 -18.21 -17.32
N GLU B 145 -23.00 -18.69 -16.10
CA GLU B 145 -22.59 -17.79 -15.02
C GLU B 145 -21.17 -17.28 -15.23
N PHE B 146 -20.29 -18.10 -15.82
CA PHE B 146 -18.93 -17.63 -16.10
C PHE B 146 -19.03 -16.56 -17.18
N LYS B 147 -19.93 -16.78 -18.15
CA LYS B 147 -20.16 -15.83 -19.24
C LYS B 147 -20.68 -14.51 -18.69
N GLN B 148 -21.71 -14.60 -17.85
CA GLN B 148 -22.30 -13.41 -17.25
C GLN B 148 -21.30 -12.66 -16.38
N ALA B 149 -20.43 -13.40 -15.70
CA ALA B 149 -19.41 -12.78 -14.85
C ALA B 149 -18.38 -12.05 -15.73
N ALA B 150 -18.03 -12.66 -16.87
CA ALA B 150 -17.08 -12.05 -17.78
C ALA B 150 -17.66 -10.74 -18.32
N ALA B 151 -18.95 -10.72 -18.61
CA ALA B 151 -19.60 -9.52 -19.11
C ALA B 151 -19.53 -8.42 -18.05
N ARG B 152 -19.73 -8.79 -16.78
CA ARG B 152 -19.65 -7.82 -15.69
C ARG B 152 -18.22 -7.30 -15.56
N ALA B 153 -17.25 -8.19 -15.71
CA ALA B 153 -15.83 -7.82 -15.61
C ALA B 153 -15.48 -6.80 -16.69
N LYS B 154 -16.01 -7.01 -17.89
CA LYS B 154 -15.76 -6.08 -18.98
C LYS B 154 -16.37 -4.72 -18.64
N GLU B 155 -17.63 -4.72 -18.22
CA GLU B 155 -18.30 -3.47 -17.87
C GLU B 155 -17.57 -2.72 -16.75
N ALA B 156 -16.99 -3.47 -15.81
CA ALA B 156 -16.28 -2.88 -14.68
C ALA B 156 -14.90 -2.31 -15.06
N GLY B 157 -14.43 -2.60 -16.27
CA GLY B 157 -13.15 -2.07 -16.70
C GLY B 157 -11.89 -2.90 -16.57
N PHE B 158 -12.01 -4.21 -16.38
CA PHE B 158 -10.81 -5.04 -16.27
C PHE B 158 -10.09 -5.15 -17.62
N ASP B 159 -8.76 -5.30 -17.58
CA ASP B 159 -7.94 -5.43 -18.78
C ASP B 159 -7.75 -6.88 -19.18
N VAL B 160 -7.76 -7.76 -18.18
CA VAL B 160 -7.55 -9.18 -18.39
C VAL B 160 -8.52 -10.01 -17.58
N ILE B 161 -8.92 -11.15 -18.13
CA ILE B 161 -9.78 -12.08 -17.43
C ILE B 161 -9.04 -13.41 -17.36
N GLU B 162 -8.97 -13.99 -16.16
CA GLU B 162 -8.33 -15.29 -16.00
C GLU B 162 -9.37 -16.28 -15.48
N ILE B 163 -9.41 -17.45 -16.10
CA ILE B 163 -10.32 -18.50 -15.70
C ILE B 163 -9.56 -19.38 -14.71
N HIS B 164 -10.15 -19.60 -13.53
CA HIS B 164 -9.50 -20.42 -12.51
C HIS B 164 -9.79 -21.90 -12.73
N ALA B 165 -8.88 -22.59 -13.42
CA ALA B 165 -9.06 -24.01 -13.68
C ALA B 165 -8.04 -24.83 -12.90
N ALA B 166 -7.61 -24.31 -11.76
CA ALA B 166 -6.59 -24.97 -10.95
C ALA B 166 -6.99 -25.20 -9.49
N HIS B 167 -5.99 -25.63 -8.73
CA HIS B 167 -6.08 -25.84 -7.29
C HIS B 167 -7.27 -26.66 -6.75
N GLY B 168 -7.68 -27.65 -7.54
CA GLY B 168 -8.75 -28.53 -7.12
C GLY B 168 -10.16 -27.97 -7.08
N TYR B 169 -10.37 -26.80 -7.68
CA TYR B 169 -11.70 -26.21 -7.68
C TYR B 169 -12.58 -26.80 -8.78
N LEU B 170 -13.76 -26.24 -9.03
CA LEU B 170 -14.70 -26.83 -9.99
C LEU B 170 -14.16 -27.28 -11.35
N ILE B 171 -13.55 -26.39 -12.11
CA ILE B 171 -13.05 -26.78 -13.42
C ILE B 171 -11.97 -27.87 -13.37
N HIS B 172 -11.03 -27.76 -12.43
CA HIS B 172 -9.97 -28.75 -12.27
C HIS B 172 -10.61 -30.10 -11.95
N GLU B 173 -11.68 -30.06 -11.16
CA GLU B 173 -12.38 -31.29 -10.79
C GLU B 173 -12.93 -31.99 -12.03
N PHE B 174 -13.44 -31.22 -12.99
CA PHE B 174 -13.95 -31.82 -14.23
C PHE B 174 -12.79 -32.36 -15.09
N LEU B 175 -11.64 -31.66 -15.06
CA LEU B 175 -10.49 -32.08 -15.87
C LEU B 175 -9.82 -33.38 -15.47
N SER B 176 -9.74 -33.64 -14.16
CA SER B 176 -9.05 -34.84 -13.67
C SER B 176 -9.90 -36.09 -13.50
N PRO B 177 -9.39 -37.23 -13.95
CA PRO B 177 -10.14 -38.49 -13.82
C PRO B 177 -10.26 -38.95 -12.36
N LEU B 178 -9.48 -38.34 -11.47
CA LEU B 178 -9.52 -38.68 -10.06
C LEU B 178 -10.78 -38.13 -9.40
N SER B 179 -11.32 -37.06 -9.97
CA SER B 179 -12.50 -36.40 -9.43
C SER B 179 -13.72 -36.41 -10.34
N ASN B 180 -13.52 -36.73 -11.62
CA ASN B 180 -14.61 -36.76 -12.58
C ASN B 180 -14.89 -38.20 -13.01
N HIS B 181 -16.01 -38.74 -12.56
CA HIS B 181 -16.42 -40.10 -12.88
C HIS B 181 -17.70 -40.09 -13.71
N ARG B 182 -18.03 -38.93 -14.28
CA ARG B 182 -19.25 -38.80 -15.07
C ARG B 182 -19.25 -39.70 -16.31
N THR B 183 -20.45 -40.09 -16.74
CA THR B 183 -20.60 -40.94 -17.91
C THR B 183 -21.38 -40.22 -19.02
N ASP B 184 -21.62 -38.92 -18.85
CA ASP B 184 -22.32 -38.16 -19.87
C ASP B 184 -21.32 -37.36 -20.70
N GLU B 185 -21.78 -36.34 -21.40
CA GLU B 185 -20.91 -35.54 -22.26
C GLU B 185 -19.77 -34.81 -21.55
N TYR B 186 -19.85 -34.71 -20.23
CA TYR B 186 -18.81 -34.01 -19.47
C TYR B 186 -17.81 -34.95 -18.78
N GLY B 187 -17.86 -36.24 -19.09
CA GLY B 187 -16.94 -37.18 -18.48
C GLY B 187 -16.47 -38.29 -19.38
N GLY B 188 -15.43 -38.99 -18.94
CA GLY B 188 -14.89 -40.10 -19.70
C GLY B 188 -13.55 -39.80 -20.36
N SER B 189 -13.60 -39.49 -21.65
CA SER B 189 -12.41 -39.18 -22.42
C SER B 189 -11.80 -37.84 -22.05
N PRO B 190 -10.53 -37.62 -22.43
CA PRO B 190 -9.88 -36.34 -22.10
C PRO B 190 -10.68 -35.19 -22.74
N GLU B 191 -11.23 -35.44 -23.93
CA GLU B 191 -12.03 -34.43 -24.62
C GLU B 191 -13.28 -34.07 -23.82
N ASN B 192 -13.98 -35.08 -23.30
CA ASN B 192 -15.19 -34.83 -22.52
C ASN B 192 -14.88 -34.18 -21.17
N ARG B 193 -13.75 -34.55 -20.56
CA ARG B 193 -13.36 -33.97 -19.28
C ARG B 193 -12.98 -32.49 -19.47
N TYR B 194 -12.51 -32.16 -20.67
CA TYR B 194 -12.12 -30.81 -21.03
C TYR B 194 -13.33 -29.98 -21.51
N ARG B 195 -14.43 -30.65 -21.87
CA ARG B 195 -15.62 -29.97 -22.39
C ARG B 195 -16.15 -28.77 -21.58
N PHE B 196 -16.21 -28.91 -20.26
CA PHE B 196 -16.69 -27.84 -19.40
C PHE B 196 -15.85 -26.57 -19.64
N LEU B 197 -14.52 -26.73 -19.59
CA LEU B 197 -13.60 -25.61 -19.81
C LEU B 197 -13.75 -25.09 -21.25
N ARG B 198 -13.90 -26.00 -22.21
CA ARG B 198 -14.07 -25.60 -23.60
C ARG B 198 -15.28 -24.68 -23.77
N GLU B 199 -16.40 -25.06 -23.16
CA GLU B 199 -17.63 -24.27 -23.25
C GLU B 199 -17.51 -22.92 -22.53
N ILE B 200 -16.80 -22.91 -21.40
CA ILE B 200 -16.59 -21.67 -20.66
C ILE B 200 -15.77 -20.71 -21.52
N ILE B 201 -14.70 -21.22 -22.12
CA ILE B 201 -13.86 -20.39 -22.97
C ILE B 201 -14.65 -19.82 -24.16
N ASP B 202 -15.41 -20.68 -24.84
CA ASP B 202 -16.20 -20.19 -25.99
C ASP B 202 -17.28 -19.18 -25.61
N GLU B 203 -17.99 -19.43 -24.52
CA GLU B 203 -19.04 -18.49 -24.10
C GLU B 203 -18.44 -17.17 -23.61
N VAL B 204 -17.33 -17.24 -22.88
CA VAL B 204 -16.68 -16.02 -22.40
C VAL B 204 -16.25 -15.19 -23.61
N LYS B 205 -15.75 -15.84 -24.65
CA LYS B 205 -15.33 -15.12 -25.85
C LYS B 205 -16.47 -14.45 -26.60
N GLN B 206 -17.71 -14.80 -26.26
CA GLN B 206 -18.87 -14.18 -26.91
C GLN B 206 -19.14 -12.80 -26.33
N VAL B 207 -18.62 -12.55 -25.13
CA VAL B 207 -18.82 -11.27 -24.46
C VAL B 207 -17.50 -10.57 -24.12
N TRP B 208 -16.37 -11.23 -24.37
CA TRP B 208 -15.06 -10.66 -24.07
C TRP B 208 -14.03 -11.01 -25.14
N ASP B 209 -13.44 -9.98 -25.76
CA ASP B 209 -12.44 -10.20 -26.80
C ASP B 209 -11.04 -9.77 -26.38
N GLY B 210 -10.88 -9.45 -25.10
CA GLY B 210 -9.57 -9.03 -24.62
C GLY B 210 -8.69 -10.19 -24.18
N PRO B 211 -7.53 -9.91 -23.55
CA PRO B 211 -6.61 -10.95 -23.09
C PRO B 211 -7.34 -11.97 -22.20
N LEU B 212 -7.12 -13.25 -22.49
CA LEU B 212 -7.75 -14.32 -21.72
C LEU B 212 -6.66 -15.28 -21.24
N PHE B 213 -6.54 -15.40 -19.92
CA PHE B 213 -5.58 -16.29 -19.28
C PHE B 213 -6.36 -17.45 -18.67
N VAL B 214 -5.68 -18.58 -18.48
CA VAL B 214 -6.26 -19.71 -17.80
C VAL B 214 -5.19 -20.25 -16.85
N ARG B 215 -5.53 -20.36 -15.57
CA ARG B 215 -4.60 -20.91 -14.59
C ARG B 215 -4.92 -22.38 -14.42
N VAL B 216 -3.88 -23.21 -14.50
CA VAL B 216 -4.04 -24.65 -14.35
C VAL B 216 -3.11 -25.20 -13.27
N SER B 217 -3.42 -26.40 -12.80
CA SER B 217 -2.55 -27.10 -11.86
C SER B 217 -1.97 -28.13 -12.83
N ALA B 218 -0.72 -27.92 -13.24
CA ALA B 218 -0.06 -28.76 -14.24
C ALA B 218 0.23 -30.21 -13.86
N SER B 219 -0.03 -30.56 -12.60
CA SER B 219 0.15 -31.94 -12.15
C SER B 219 -0.67 -32.18 -10.90
N ASP B 220 -1.15 -33.41 -10.74
CA ASP B 220 -1.91 -33.80 -9.56
C ASP B 220 -0.95 -34.49 -8.59
N TYR B 221 0.25 -34.77 -9.06
CA TYR B 221 1.28 -35.46 -8.26
C TYR B 221 0.72 -36.74 -7.66
N THR B 222 -0.20 -37.37 -8.37
CA THR B 222 -0.84 -38.58 -7.87
C THR B 222 -0.99 -39.64 -8.97
N ASP B 223 -0.81 -40.90 -8.58
CA ASP B 223 -0.94 -42.00 -9.54
C ASP B 223 -2.35 -41.98 -10.12
N LYS B 224 -2.44 -42.19 -11.43
CA LYS B 224 -3.73 -42.20 -12.14
C LYS B 224 -4.32 -40.81 -12.30
N GLY B 225 -3.59 -39.80 -11.81
CA GLY B 225 -4.06 -38.43 -11.93
C GLY B 225 -3.42 -37.76 -13.12
N LEU B 226 -3.68 -36.47 -13.29
CA LEU B 226 -3.11 -35.72 -14.41
C LEU B 226 -1.63 -35.41 -14.18
N ASP B 227 -0.87 -35.33 -15.27
CA ASP B 227 0.55 -35.00 -15.23
C ASP B 227 0.86 -33.95 -16.30
N ILE B 228 2.10 -33.53 -16.40
CA ILE B 228 2.45 -32.50 -17.38
C ILE B 228 2.10 -32.87 -18.83
N ALA B 229 2.18 -34.16 -19.16
CA ALA B 229 1.84 -34.58 -20.51
C ALA B 229 0.36 -34.28 -20.82
N ASP B 230 -0.51 -34.51 -19.85
CA ASP B 230 -1.93 -34.24 -20.03
C ASP B 230 -2.18 -32.76 -20.25
N HIS B 231 -1.48 -31.93 -19.48
CA HIS B 231 -1.63 -30.49 -19.59
C HIS B 231 -1.03 -29.89 -20.84
N ILE B 232 -0.03 -30.55 -21.42
CA ILE B 232 0.53 -30.08 -22.67
C ILE B 232 -0.58 -30.30 -23.71
N GLY B 233 -1.33 -31.38 -23.53
CA GLY B 233 -2.42 -31.69 -24.43
C GLY B 233 -3.55 -30.67 -24.30
N PHE B 234 -3.93 -30.33 -23.07
CA PHE B 234 -4.99 -29.34 -22.87
C PHE B 234 -4.55 -27.99 -23.42
N ALA B 235 -3.26 -27.68 -23.24
CA ALA B 235 -2.71 -26.41 -23.70
C ALA B 235 -2.84 -26.25 -25.21
N LYS B 236 -2.65 -27.33 -25.94
CA LYS B 236 -2.78 -27.28 -27.39
C LYS B 236 -4.22 -26.95 -27.78
N TRP B 237 -5.18 -27.50 -27.03
CA TRP B 237 -6.60 -27.23 -27.31
C TRP B 237 -6.95 -25.78 -26.96
N MSE B 238 -6.41 -25.30 -25.84
CA MSE B 238 -6.65 -23.93 -25.42
C MSE B 238 -6.07 -22.95 -26.45
O MSE B 238 -6.66 -21.91 -26.73
CB MSE B 238 -6.04 -23.65 -24.03
CG MSE B 238 -6.84 -24.24 -22.87
SE MSE B 238 -6.27 -23.71 -21.21
CE MSE B 238 -5.56 -25.27 -20.60
N LYS B 239 -4.93 -23.29 -27.02
CA LYS B 239 -4.31 -22.43 -28.03
C LYS B 239 -5.25 -22.30 -29.22
N GLU B 240 -5.84 -23.42 -29.64
CA GLU B 240 -6.77 -23.43 -30.77
C GLU B 240 -8.01 -22.58 -30.48
N GLN B 241 -8.40 -22.52 -29.21
CA GLN B 241 -9.59 -21.76 -28.81
C GLN B 241 -9.32 -20.27 -28.62
N GLY B 242 -8.06 -19.85 -28.66
CA GLY B 242 -7.77 -18.44 -28.51
C GLY B 242 -7.30 -17.98 -27.14
N VAL B 243 -6.93 -18.91 -26.26
CA VAL B 243 -6.42 -18.52 -24.94
C VAL B 243 -5.05 -17.90 -25.19
N ASP B 244 -4.77 -16.79 -24.52
CA ASP B 244 -3.51 -16.06 -24.71
C ASP B 244 -2.32 -16.50 -23.86
N LEU B 245 -2.59 -16.99 -22.66
CA LEU B 245 -1.51 -17.42 -21.78
C LEU B 245 -2.00 -18.40 -20.74
N ILE B 246 -1.13 -19.34 -20.39
CA ILE B 246 -1.45 -20.34 -19.38
C ILE B 246 -0.56 -20.08 -18.17
N ASP B 247 -1.23 -19.78 -17.06
CA ASP B 247 -0.66 -19.47 -15.75
C ASP B 247 -0.42 -20.85 -15.14
N CYS B 248 0.85 -21.25 -15.03
CA CYS B 248 1.19 -22.59 -14.56
C CYS B 248 1.46 -22.89 -13.09
N SER B 249 0.43 -23.34 -12.39
CA SER B 249 0.57 -23.71 -10.98
C SER B 249 0.51 -25.24 -10.94
N SER B 250 0.18 -25.81 -9.78
CA SER B 250 0.10 -27.27 -9.67
C SER B 250 -0.55 -27.69 -8.36
N GLY B 251 -0.94 -28.97 -8.31
CA GLY B 251 -1.54 -29.56 -7.12
C GLY B 251 -2.88 -29.07 -6.59
N ALA B 252 -3.22 -29.57 -5.40
CA ALA B 252 -4.42 -29.24 -4.64
C ALA B 252 -5.75 -29.90 -5.00
N LEU B 253 -5.76 -30.86 -5.93
CA LEU B 253 -7.01 -31.54 -6.26
C LEU B 253 -7.32 -32.47 -5.10
N VAL B 254 -6.27 -33.08 -4.57
CA VAL B 254 -6.33 -33.99 -3.42
C VAL B 254 -5.00 -33.83 -2.70
N HIS B 255 -4.93 -34.27 -1.45
CA HIS B 255 -3.68 -34.17 -0.70
C HIS B 255 -2.59 -34.99 -1.39
N ALA B 256 -1.38 -34.43 -1.45
CA ALA B 256 -0.27 -35.13 -2.09
C ALA B 256 1.08 -34.61 -1.61
N ASP B 257 2.10 -35.45 -1.70
CA ASP B 257 3.45 -35.07 -1.30
C ASP B 257 4.07 -34.27 -2.44
N ILE B 258 4.43 -33.03 -2.14
CA ILE B 258 5.03 -32.15 -3.14
C ILE B 258 6.35 -31.57 -2.66
N ASN B 259 7.40 -31.76 -3.45
CA ASN B 259 8.72 -31.24 -3.13
C ASN B 259 8.76 -29.78 -3.58
N VAL B 260 8.72 -28.88 -2.61
CA VAL B 260 8.73 -27.45 -2.88
C VAL B 260 10.13 -26.86 -2.73
N PHE B 261 10.50 -25.97 -3.65
CA PHE B 261 11.81 -25.33 -3.65
C PHE B 261 11.73 -24.17 -4.65
N PRO B 262 12.74 -23.29 -4.65
CA PRO B 262 12.71 -22.15 -5.58
C PRO B 262 12.54 -22.58 -7.04
N GLY B 263 11.48 -22.10 -7.68
CA GLY B 263 11.21 -22.43 -9.06
C GLY B 263 10.69 -23.85 -9.30
N TYR B 264 10.07 -24.45 -8.30
CA TYR B 264 9.57 -25.82 -8.43
C TYR B 264 8.49 -26.07 -9.47
N GLN B 265 7.84 -25.02 -9.97
CA GLN B 265 6.80 -25.20 -10.99
C GLN B 265 7.24 -24.64 -12.35
N VAL B 266 8.48 -24.19 -12.44
CA VAL B 266 8.99 -23.63 -13.69
C VAL B 266 9.08 -24.64 -14.84
N SER B 267 9.36 -25.89 -14.54
CA SER B 267 9.46 -26.89 -15.61
C SER B 267 8.12 -27.04 -16.35
N PHE B 268 7.01 -26.82 -15.65
CA PHE B 268 5.69 -26.92 -16.26
C PHE B 268 5.50 -25.81 -17.28
N ALA B 269 5.86 -24.59 -16.88
CA ALA B 269 5.75 -23.43 -17.74
C ALA B 269 6.65 -23.56 -18.97
N GLU B 270 7.85 -24.10 -18.77
CA GLU B 270 8.81 -24.25 -19.87
C GLU B 270 8.36 -25.30 -20.89
N LYS B 271 7.86 -26.43 -20.41
CA LYS B 271 7.42 -27.49 -21.29
C LYS B 271 6.15 -27.14 -22.06
N ILE B 272 5.20 -26.50 -21.39
CA ILE B 272 3.96 -26.09 -22.07
C ILE B 272 4.31 -25.03 -23.12
N ARG B 273 5.21 -24.13 -22.77
CA ARG B 273 5.61 -23.08 -23.70
C ARG B 273 6.23 -23.66 -24.96
N GLU B 274 7.19 -24.56 -24.79
CA GLU B 274 7.88 -25.18 -25.92
C GLU B 274 7.05 -26.16 -26.74
N GLN B 275 6.33 -27.06 -26.06
CA GLN B 275 5.54 -28.07 -26.76
C GLN B 275 4.17 -27.65 -27.26
N ALA B 276 3.57 -26.63 -26.65
CA ALA B 276 2.26 -26.18 -27.10
C ALA B 276 2.31 -24.82 -27.79
N ASP B 277 3.50 -24.24 -27.87
CA ASP B 277 3.69 -22.94 -28.51
C ASP B 277 2.71 -21.93 -27.90
N MSE B 278 2.61 -21.97 -26.57
CA MSE B 278 1.72 -21.11 -25.81
C MSE B 278 2.49 -20.27 -24.79
O MSE B 278 3.36 -20.79 -24.09
CB MSE B 278 0.69 -21.97 -25.07
CG MSE B 278 -0.11 -21.25 -23.98
SE MSE B 278 -1.43 -20.16 -24.58
CE MSE B 278 -2.76 -21.36 -24.90
N ALA B 279 2.19 -18.98 -24.74
CA ALA B 279 2.85 -18.10 -23.77
C ALA B 279 2.47 -18.62 -22.38
N THR B 280 3.42 -18.58 -21.45
CA THR B 280 3.15 -19.07 -20.10
C THR B 280 3.58 -18.13 -18.99
N GLY B 281 2.96 -18.34 -17.84
CA GLY B 281 3.28 -17.57 -16.66
C GLY B 281 3.90 -18.54 -15.67
N ALA B 282 5.06 -18.17 -15.12
CA ALA B 282 5.74 -19.01 -14.15
C ALA B 282 5.41 -18.49 -12.75
N VAL B 283 5.19 -19.40 -11.82
CA VAL B 283 4.86 -19.02 -10.45
C VAL B 283 5.34 -20.11 -9.49
N GLY B 284 5.70 -19.73 -8.27
CA GLY B 284 6.13 -20.72 -7.30
C GLY B 284 7.50 -20.51 -6.68
N MSE B 285 7.52 -19.87 -5.52
CA MSE B 285 8.76 -19.61 -4.78
C MSE B 285 9.79 -18.82 -5.58
O MSE B 285 11.00 -19.09 -5.50
CB MSE B 285 9.36 -20.91 -4.25
CG MSE B 285 8.53 -21.57 -3.17
SE MSE B 285 8.47 -20.69 -1.59
CE MSE B 285 10.04 -21.18 -0.88
N ILE B 286 9.32 -17.85 -6.37
CA ILE B 286 10.21 -16.97 -7.12
C ILE B 286 10.22 -15.72 -6.22
N THR B 287 11.37 -15.40 -5.67
CA THR B 287 11.47 -14.29 -4.74
C THR B 287 12.52 -13.22 -5.01
N ASP B 288 13.21 -13.29 -6.15
CA ASP B 288 14.21 -12.29 -6.46
C ASP B 288 14.30 -12.01 -7.95
N GLY B 289 14.90 -10.89 -8.28
CA GLY B 289 15.06 -10.50 -9.67
C GLY B 289 15.98 -11.37 -10.50
N SER B 290 17.00 -11.95 -9.89
CA SER B 290 17.94 -12.80 -10.62
C SER B 290 17.25 -14.03 -11.20
N MSE B 291 16.44 -14.71 -10.39
CA MSE B 291 15.72 -15.89 -10.87
C MSE B 291 14.68 -15.49 -11.91
O MSE B 291 14.49 -16.18 -12.91
CB MSE B 291 15.03 -16.62 -9.70
CG MSE B 291 14.25 -17.88 -10.14
SE MSE B 291 13.77 -18.99 -8.77
CE MSE B 291 15.39 -19.47 -8.22
N ALA B 292 14.00 -14.38 -11.67
CA ALA B 292 12.98 -13.89 -12.60
C ALA B 292 13.60 -13.65 -13.97
N GLU B 293 14.77 -13.01 -13.99
CA GLU B 293 15.46 -12.72 -15.25
C GLU B 293 15.94 -14.00 -15.93
N GLU B 294 16.43 -14.95 -15.17
CA GLU B 294 16.92 -16.23 -15.71
C GLU B 294 15.78 -16.97 -16.40
N ILE B 295 14.61 -17.01 -15.76
CA ILE B 295 13.46 -17.69 -16.31
C ILE B 295 13.06 -17.09 -17.66
N LEU B 296 13.03 -15.76 -17.74
CA LEU B 296 12.65 -15.10 -18.98
C LEU B 296 13.74 -15.24 -20.06
N GLN B 297 14.99 -14.99 -19.70
CA GLN B 297 16.09 -15.07 -20.67
C GLN B 297 16.34 -16.47 -21.23
N ASN B 298 16.14 -17.50 -20.42
CA ASN B 298 16.35 -18.87 -20.90
C ASN B 298 15.09 -19.43 -21.57
N GLY B 299 14.10 -18.56 -21.78
CA GLY B 299 12.87 -18.95 -22.46
C GLY B 299 11.98 -19.96 -21.76
N ARG B 300 11.94 -19.89 -20.42
CA ARG B 300 11.13 -20.83 -19.66
C ARG B 300 9.69 -20.33 -19.43
N ALA B 301 9.48 -19.02 -19.58
CA ALA B 301 8.15 -18.42 -19.41
C ALA B 301 8.14 -17.01 -19.98
N ASP B 302 6.96 -16.40 -20.10
CA ASP B 302 6.82 -15.04 -20.64
C ASP B 302 6.52 -13.99 -19.59
N LEU B 303 5.85 -14.41 -18.52
CA LEU B 303 5.51 -13.51 -17.41
C LEU B 303 5.90 -14.18 -16.11
N ILE B 304 6.32 -13.37 -15.14
CA ILE B 304 6.73 -13.89 -13.84
C ILE B 304 5.67 -13.51 -12.79
N PHE B 305 4.96 -14.51 -12.29
CA PHE B 305 3.93 -14.31 -11.28
C PHE B 305 4.57 -14.38 -9.89
N ILE B 306 4.30 -13.36 -9.08
CA ILE B 306 4.84 -13.27 -7.73
C ILE B 306 3.69 -13.21 -6.74
N GLY B 307 3.73 -14.11 -5.75
CA GLY B 307 2.69 -14.16 -4.74
C GLY B 307 3.17 -13.67 -3.38
N ARG B 308 3.64 -14.60 -2.56
CA ARG B 308 4.08 -14.25 -1.21
C ARG B 308 5.16 -13.18 -1.09
N GLU B 309 6.09 -13.09 -2.05
CA GLU B 309 7.10 -12.04 -1.91
C GLU B 309 6.46 -10.65 -2.00
N LEU B 310 5.32 -10.55 -2.68
CA LEU B 310 4.63 -9.26 -2.78
C LEU B 310 3.82 -8.97 -1.52
N LEU B 311 3.68 -9.96 -0.65
CA LEU B 311 3.00 -9.75 0.63
C LEU B 311 4.05 -9.25 1.63
N ARG B 312 5.30 -9.68 1.43
CA ARG B 312 6.41 -9.26 2.28
C ARG B 312 6.98 -7.93 1.81
N ASP B 313 7.00 -7.74 0.50
CA ASP B 313 7.56 -6.54 -0.12
C ASP B 313 6.67 -6.04 -1.26
N PRO B 314 5.70 -5.16 -0.95
CA PRO B 314 4.79 -4.64 -1.99
C PRO B 314 5.54 -3.94 -3.12
N PHE B 315 6.76 -3.49 -2.85
CA PHE B 315 7.56 -2.79 -3.85
C PHE B 315 8.69 -3.66 -4.40
N PHE B 316 8.37 -4.95 -4.56
CA PHE B 316 9.31 -5.94 -5.11
C PHE B 316 9.92 -5.46 -6.44
N ALA B 317 9.14 -4.76 -7.25
CA ALA B 317 9.64 -4.27 -8.53
C ALA B 317 10.92 -3.45 -8.32
N ARG B 318 10.92 -2.57 -7.32
CA ARG B 318 12.08 -1.75 -7.01
C ARG B 318 13.25 -2.62 -6.56
N THR B 319 12.96 -3.55 -5.64
CA THR B 319 13.98 -4.44 -5.10
C THR B 319 14.65 -5.26 -6.20
N ALA B 320 13.83 -5.79 -7.11
CA ALA B 320 14.33 -6.60 -8.21
C ALA B 320 15.21 -5.78 -9.14
N ALA B 321 14.82 -4.52 -9.38
CA ALA B 321 15.59 -3.66 -10.25
C ALA B 321 16.99 -3.45 -9.66
N LYS B 322 17.04 -3.22 -8.35
CA LYS B 322 18.32 -3.02 -7.68
C LYS B 322 19.19 -4.27 -7.78
N GLN B 323 18.58 -5.44 -7.57
CA GLN B 323 19.29 -6.71 -7.64
C GLN B 323 19.87 -6.95 -9.02
N LEU B 324 19.20 -6.43 -10.04
CA LEU B 324 19.66 -6.60 -11.43
C LEU B 324 20.50 -5.42 -11.91
N ASN B 325 20.87 -4.54 -10.99
CA ASN B 325 21.70 -3.39 -11.33
C ASN B 325 21.12 -2.58 -12.49
N THR B 326 19.82 -2.30 -12.44
CA THR B 326 19.16 -1.54 -13.48
C THR B 326 18.22 -0.51 -12.84
N GLU B 327 17.71 0.40 -13.65
CA GLU B 327 16.81 1.43 -13.13
C GLU B 327 15.43 1.40 -13.78
N ILE B 328 14.41 1.68 -12.98
CA ILE B 328 13.04 1.72 -13.47
C ILE B 328 12.37 2.98 -12.95
N PRO B 329 11.29 3.42 -13.62
CA PRO B 329 10.59 4.63 -13.18
C PRO B 329 9.91 4.41 -11.84
N ALA B 330 9.96 5.42 -10.99
CA ALA B 330 9.32 5.32 -9.68
C ALA B 330 8.02 6.11 -9.73
N PRO B 331 7.08 5.81 -8.82
CA PRO B 331 5.85 6.58 -8.86
C PRO B 331 6.32 8.01 -8.58
N VAL B 332 5.76 8.99 -9.27
CA VAL B 332 6.20 10.38 -9.10
C VAL B 332 6.33 10.83 -7.65
N GLN B 333 5.37 10.43 -6.81
CA GLN B 333 5.38 10.83 -5.41
C GLN B 333 6.57 10.32 -4.59
N TYR B 334 7.22 9.26 -5.05
CA TYR B 334 8.35 8.69 -4.31
C TYR B 334 9.72 8.87 -4.99
N GLU B 335 9.80 9.80 -5.94
CA GLU B 335 11.06 10.04 -6.65
C GLU B 335 12.25 10.31 -5.73
N ARG B 336 12.00 10.95 -4.59
CA ARG B 336 13.09 11.26 -3.68
C ARG B 336 13.44 10.16 -2.69
N GLY B 337 12.81 9.00 -2.84
CA GLY B 337 13.09 7.88 -1.96
C GLY B 337 13.62 6.68 -2.73
N TRP B 338 13.02 6.41 -3.88
CA TRP B 338 13.41 5.27 -4.71
C TRP B 338 14.79 5.41 -5.35
S SO4 C . 12.77 -12.55 4.27
O1 SO4 C . 12.65 -11.11 4.56
O2 SO4 C . 11.93 -12.89 3.11
O3 SO4 C . 14.17 -12.88 4.00
O4 SO4 C . 12.32 -13.32 5.45
N1 FMN D . 8.77 16.83 6.73
C2 FMN D . 7.73 17.43 7.38
O2 FMN D . 7.82 17.83 8.52
N3 FMN D . 6.49 17.60 6.69
C4 FMN D . 6.24 17.21 5.40
O4 FMN D . 5.13 17.41 4.89
C4A FMN D . 7.37 16.57 4.68
N5 FMN D . 7.26 16.16 3.40
C5A FMN D . 8.30 15.46 2.79
C6 FMN D . 8.15 14.93 1.42
C7 FMN D . 9.14 14.22 0.76
C7M FMN D . 8.95 13.67 -0.67
C8 FMN D . 10.45 13.96 1.45
C8M FMN D . 11.58 13.18 0.81
C9 FMN D . 10.60 14.46 2.75
C9A FMN D . 9.60 15.21 3.46
N10 FMN D . 9.71 15.74 4.81
C10 FMN D . 8.64 16.40 5.46
C1' FMN D . 10.94 15.54 5.60
C2' FMN D . 10.80 14.10 6.19
O2' FMN D . 9.68 13.90 7.07
C3' FMN D . 11.99 13.55 6.98
O3' FMN D . 12.11 14.31 8.23
C4' FMN D . 13.30 13.66 6.20
O4' FMN D . 13.20 12.98 4.92
C5' FMN D . 14.45 13.06 6.98
O5' FMN D . 14.27 11.63 7.16
P FMN D . 14.57 10.37 6.27
O1P FMN D . 16.06 10.32 6.06
O2P FMN D . 13.81 10.49 4.99
O3P FMN D . 14.10 9.15 7.14
C1 NPO E . 8.86 18.87 1.93
C2 NPO E . 9.95 18.90 2.84
C3 NPO E . 9.76 19.38 4.16
C4 NPO E . 8.46 19.81 4.59
C5 NPO E . 7.34 19.81 3.69
C6 NPO E . 7.54 19.34 2.36
OH NPO E . 8.30 20.22 5.89
N1 NPO E . 9.07 18.37 0.57
O2 NPO E . 10.19 17.97 0.20
O3 NPO E . 8.14 18.33 -0.22
S SO4 F . 18.30 0.32 -0.99
O1 SO4 F . 17.67 -1.02 -0.84
O2 SO4 F . 17.80 1.21 0.06
O3 SO4 F . 19.76 0.18 -0.88
O4 SO4 F . 17.95 0.86 -2.31
N1 FMN G . -4.01 -18.74 -6.21
C2 FMN G . -5.06 -18.55 -7.07
O2 FMN G . -5.07 -18.97 -8.19
N3 FMN G . -6.20 -17.80 -6.59
C4 FMN G . -6.33 -17.27 -5.32
O4 FMN G . -7.33 -16.63 -5.01
C4A FMN G . -5.19 -17.49 -4.39
N5 FMN G . -5.21 -17.03 -3.13
C5A FMN G . -4.09 -17.17 -2.32
C6 FMN G . -4.08 -16.57 -0.97
C7 FMN G . -2.97 -16.66 -0.11
C7M FMN G . -2.97 -16.01 1.29
C8 FMN G . -1.74 -17.38 -0.58
C8M FMN G . -0.48 -17.51 0.29
C9 FMN G . -1.75 -17.95 -1.86
C9A FMN G . -2.86 -17.88 -2.76
N10 FMN G . -2.92 -18.44 -4.09
C10 FMN G . -4.04 -18.26 -4.95
C1' FMN G . -1.75 -19.16 -4.68
C2' FMN G . -0.80 -18.02 -5.18
O2' FMN G . -1.34 -17.17 -6.21
C3' FMN G . 0.56 -18.45 -5.75
O3' FMN G . 0.34 -19.18 -7.01
C4' FMN G . 1.32 -19.36 -4.79
O4' FMN G . 1.49 -18.72 -3.51
C5' FMN G . 2.69 -19.73 -5.36
O5' FMN G . 3.54 -18.55 -5.46
P FMN G . 4.45 -17.75 -4.44
O1P FMN G . 5.53 -18.70 -3.99
O2P FMN G . 3.60 -17.25 -3.31
O3P FMN G . 5.05 -16.58 -5.28
C1 NPO H . -6.13 -20.12 -1.80
C2 NPO H . -7.28 -19.64 -2.51
C3 NPO H . -7.43 -19.93 -3.91
C4 NPO H . -6.39 -20.66 -4.59
C5 NPO H . -5.24 -21.14 -3.90
C6 NPO H . -5.11 -20.87 -2.51
OH NPO H . -6.51 -20.89 -5.93
N1 NPO H . -5.97 -19.86 -0.36
O2 NPO H . -6.80 -19.22 0.29
O3 NPO H . -4.97 -20.29 0.21
C1 NPO I . -9.09 3.43 -0.67
C2 NPO I . -9.98 3.50 0.46
C3 NPO I . -11.30 4.01 0.28
C4 NPO I . -11.74 4.46 -1.02
C5 NPO I . -10.86 4.39 -2.15
C6 NPO I . -9.54 3.87 -1.97
OH NPO I . -13.01 4.95 -1.16
N1 NPO I . -7.73 2.88 -0.49
O2 NPO I . -7.32 2.50 0.62
O3 NPO I . -6.98 2.82 -1.47
#